data_3A5S
#
_entry.id   3A5S
#
_cell.length_a   55.328
_cell.length_b   90.022
_cell.length_c   83.983
_cell.angle_alpha   90.00
_cell.angle_beta   102.15
_cell.angle_gamma   90.00
#
_symmetry.space_group_name_H-M   'P 1 21 1'
#
loop_
_entity.id
_entity.type
_entity.pdbx_description
1 polymer 'Benzalacetone synthase'
2 water water
#
_entity_poly.entity_id   1
_entity_poly.type   'polypeptide(L)'
_entity_poly.pdbx_seq_one_letter_code
;GPGMATEEMKKLATVMAIGTANPPNCYYQADFPDFYFRVTNSDHLINLKQKFKRLCENSRIEKRYLHVTEEILKENPNIA
AYEATSLNVRHKMQVKGVAELGKEAALKAIKEWGQPKSKITHLIVCCLAGVDMPGADYQLTKLLDLDPSVKRFMFYHLGC
YAGGTVLRLAKDIAENNKGARVLIVCSEMTTTCFRGPSETHLDSMIGQALFGDGAAAVIVGADPDLTVERPIFELVSTAQ
TIVPESHGAIEGHLLESGLSFHLYKTVPTLISNNIKTCLSDAFTPLNISDWNSLFWIAHPGGPAILDQVTAKVGLEKEKL
KVTRQVLKDYGNMSSATVFFIMDEMRKKSLENGQATTGEGLEWGVLFGFGPGITVETVVLRSVPVIS
;
_entity_poly.pdbx_strand_id   A,B
#
# COMPACT_ATOMS: atom_id res chain seq x y z
N LYS A 11 -14.79 13.27 -19.56
CA LYS A 11 -14.15 14.29 -18.68
C LYS A 11 -13.01 13.63 -17.90
N LEU A 12 -11.79 14.08 -18.16
CA LEU A 12 -10.59 13.53 -17.53
C LEU A 12 -10.33 13.98 -16.11
N ALA A 13 -9.72 13.08 -15.34
CA ALA A 13 -9.35 13.38 -13.96
C ALA A 13 -8.37 14.53 -14.11
N THR A 14 -8.51 15.54 -13.25
CA THR A 14 -7.66 16.72 -13.33
C THR A 14 -7.00 17.10 -12.01
N VAL A 15 -5.73 17.49 -12.09
CA VAL A 15 -4.99 17.96 -10.91
C VAL A 15 -5.44 19.40 -10.74
N MET A 16 -5.99 19.73 -9.57
CA MET A 16 -6.52 21.07 -9.32
C MET A 16 -5.77 21.88 -8.28
N ALA A 17 -4.79 21.26 -7.62
CA ALA A 17 -4.04 21.95 -6.58
C ALA A 17 -2.81 21.16 -6.19
N ILE A 18 -1.77 21.86 -5.77
CA ILE A 18 -0.52 21.23 -5.35
C ILE A 18 0.04 22.01 -4.17
N GLY A 19 0.47 21.29 -3.15
CA GLY A 19 1.06 21.92 -1.99
C GLY A 19 2.27 21.10 -1.59
N THR A 20 3.32 21.75 -1.09
CA THR A 20 4.52 21.01 -0.69
C THR A 20 5.06 21.50 0.65
N ALA A 21 5.91 20.67 1.26
CA ALA A 21 6.54 20.99 2.53
C ALA A 21 7.86 20.25 2.67
N ASN A 22 8.75 20.78 3.50
CA ASN A 22 10.05 20.14 3.73
C ASN A 22 10.46 20.40 5.17
N PRO A 23 11.35 19.57 5.73
CA PRO A 23 11.81 19.75 7.11
C PRO A 23 12.52 21.11 7.16
N PRO A 24 12.60 21.73 8.35
CA PRO A 24 13.26 23.03 8.46
C PRO A 24 14.78 23.03 8.37
N ASN A 25 15.40 21.86 8.50
CA ASN A 25 16.86 21.76 8.44
C ASN A 25 17.39 21.70 7.02
N CYS A 26 18.08 22.75 6.60
CA CYS A 26 18.63 22.81 5.25
C CYS A 26 20.11 22.43 5.25
N TYR A 27 20.47 21.51 4.37
CA TYR A 27 21.85 21.06 4.27
C TYR A 27 22.43 21.36 2.90
N TYR A 28 23.40 22.26 2.85
CA TYR A 28 24.02 22.58 1.56
C TYR A 28 24.95 21.44 1.20
N GLN A 29 24.81 20.96 -0.04
CA GLN A 29 25.62 19.85 -0.53
C GLN A 29 27.12 20.10 -0.43
N ALA A 30 27.53 21.35 -0.62
CA ALA A 30 28.94 21.72 -0.55
C ALA A 30 29.54 21.42 0.81
N ASP A 31 28.71 21.42 1.85
CA ASP A 31 29.20 21.17 3.20
C ASP A 31 28.81 19.79 3.74
N PHE A 32 28.08 19.01 2.96
CA PHE A 32 27.63 17.71 3.43
C PHE A 32 28.71 16.67 3.69
N PRO A 33 29.67 16.50 2.77
CA PRO A 33 30.73 15.51 3.00
C PRO A 33 31.36 15.62 4.40
N ASP A 34 31.69 16.84 4.82
CA ASP A 34 32.30 17.05 6.13
C ASP A 34 31.31 16.72 7.24
N PHE A 35 30.08 17.19 7.09
CA PHE A 35 29.04 16.93 8.09
C PHE A 35 28.81 15.43 8.23
N TYR A 36 28.57 14.78 7.10
CA TYR A 36 28.30 13.35 7.05
C TYR A 36 29.39 12.46 7.65
N PHE A 37 30.64 12.69 7.27
CA PHE A 37 31.71 11.87 7.80
C PHE A 37 32.04 12.19 9.26
N ARG A 38 31.73 13.41 9.67
CA ARG A 38 31.97 13.84 11.04
C ARG A 38 30.99 13.16 12.01
N VAL A 39 29.69 13.29 11.71
CA VAL A 39 28.66 12.71 12.57
C VAL A 39 28.54 11.19 12.53
N THR A 40 29.10 10.55 11.51
CA THR A 40 29.05 9.10 11.42
C THR A 40 30.39 8.52 11.88
N ASN A 41 31.27 9.41 12.33
CA ASN A 41 32.60 9.02 12.82
C ASN A 41 33.35 8.22 11.76
N SER A 42 33.46 8.79 10.56
CA SER A 42 34.14 8.11 9.46
C SER A 42 35.32 8.93 8.93
N ASP A 43 35.76 9.91 9.72
CA ASP A 43 36.87 10.76 9.34
C ASP A 43 38.14 9.97 9.01
N HIS A 44 38.35 8.87 9.73
CA HIS A 44 39.53 8.03 9.52
C HIS A 44 39.51 7.35 8.16
N LEU A 45 38.36 7.37 7.49
CA LEU A 45 38.21 6.76 6.18
C LEU A 45 38.47 7.83 5.11
N ILE A 46 39.71 8.30 5.07
CA ILE A 46 40.13 9.33 4.13
C ILE A 46 39.79 9.04 2.67
N ASN A 47 40.24 7.89 2.18
CA ASN A 47 39.99 7.50 0.80
C ASN A 47 38.49 7.42 0.51
N LEU A 48 37.73 6.87 1.45
CA LEU A 48 36.29 6.74 1.27
C LEU A 48 35.64 8.11 1.18
N LYS A 49 36.12 9.06 1.97
CA LYS A 49 35.56 10.40 1.97
C LYS A 49 35.83 11.12 0.64
N GLN A 50 36.92 10.73 -0.03
CA GLN A 50 37.26 11.34 -1.31
C GLN A 50 36.20 10.98 -2.34
N LYS A 51 35.81 9.71 -2.37
CA LYS A 51 34.80 9.25 -3.31
C LYS A 51 33.46 9.91 -3.01
N PHE A 52 33.10 9.99 -1.73
CA PHE A 52 31.84 10.60 -1.34
C PHE A 52 31.81 12.08 -1.72
N LYS A 53 32.93 12.77 -1.52
CA LYS A 53 33.00 14.17 -1.85
C LYS A 53 32.74 14.39 -3.34
N ARG A 54 33.41 13.62 -4.18
CA ARG A 54 33.22 13.73 -5.63
C ARG A 54 31.79 13.38 -5.98
N LEU A 55 31.24 12.38 -5.30
CA LEU A 55 29.88 11.95 -5.53
C LEU A 55 28.94 13.13 -5.30
N CYS A 56 29.12 13.82 -4.19
CA CYS A 56 28.28 14.97 -3.87
C CYS A 56 28.51 16.11 -4.86
N GLU A 57 29.77 16.33 -5.23
CA GLU A 57 30.11 17.40 -6.16
C GLU A 57 29.53 17.18 -7.56
N ASN A 58 29.28 15.91 -7.92
CA ASN A 58 28.74 15.59 -9.23
C ASN A 58 27.25 15.25 -9.18
N SER A 59 26.64 15.40 -8.01
CA SER A 59 25.23 15.07 -7.85
C SER A 59 24.27 16.10 -8.44
N ARG A 60 24.77 17.30 -8.70
CA ARG A 60 23.95 18.38 -9.26
C ARG A 60 22.84 18.76 -8.28
N ILE A 61 23.11 18.58 -7.00
CA ILE A 61 22.20 18.93 -5.93
C ILE A 61 22.90 20.02 -5.13
N GLU A 62 22.22 21.15 -4.91
CA GLU A 62 22.82 22.25 -4.17
C GLU A 62 22.45 22.19 -2.69
N LYS A 63 21.24 21.74 -2.40
CA LYS A 63 20.80 21.63 -1.01
C LYS A 63 19.65 20.63 -0.89
N ARG A 64 19.46 20.15 0.34
CA ARG A 64 18.40 19.21 0.67
C ARG A 64 17.90 19.53 2.06
N TYR A 65 16.67 19.14 2.36
CA TYR A 65 16.09 19.35 3.67
C TYR A 65 15.97 17.99 4.31
N LEU A 66 16.52 17.83 5.51
CA LEU A 66 16.48 16.55 6.19
C LEU A 66 15.99 16.67 7.62
N HIS A 67 15.27 15.65 8.07
CA HIS A 67 14.76 15.63 9.44
C HIS A 67 15.94 15.39 10.39
N VAL A 68 16.86 14.54 9.96
CA VAL A 68 18.03 14.22 10.77
C VAL A 68 18.85 15.46 11.11
N THR A 69 19.39 15.48 12.32
CA THR A 69 20.23 16.59 12.79
C THR A 69 21.39 15.97 13.57
N GLU A 70 22.38 16.78 13.90
CA GLU A 70 23.52 16.28 14.65
C GLU A 70 23.08 15.83 16.03
N GLU A 71 22.16 16.59 16.63
CA GLU A 71 21.64 16.27 17.96
C GLU A 71 20.97 14.89 17.96
N ILE A 72 20.09 14.66 16.99
CA ILE A 72 19.38 13.39 16.90
C ILE A 72 20.37 12.24 16.79
N LEU A 73 21.42 12.43 16.00
CA LEU A 73 22.42 11.38 15.83
C LEU A 73 23.21 11.14 17.11
N LYS A 74 23.48 12.21 17.86
CA LYS A 74 24.20 12.09 19.12
C LYS A 74 23.38 11.30 20.12
N GLU A 75 22.07 11.54 20.12
CA GLU A 75 21.16 10.85 21.02
C GLU A 75 20.83 9.43 20.56
N ASN A 76 21.07 9.16 19.29
CA ASN A 76 20.81 7.84 18.72
C ASN A 76 21.99 7.42 17.84
N PRO A 77 23.11 7.02 18.46
CA PRO A 77 24.32 6.60 17.73
C PRO A 77 24.12 5.42 16.79
N ASN A 78 23.17 4.54 17.10
CA ASN A 78 22.92 3.38 16.26
C ASN A 78 22.38 3.75 14.88
N ILE A 79 21.88 4.97 14.74
CA ILE A 79 21.36 5.44 13.46
C ILE A 79 22.54 5.86 12.59
N ALA A 80 23.55 6.44 13.24
CA ALA A 80 24.75 6.91 12.53
C ALA A 80 25.63 5.75 12.09
N ALA A 81 25.47 4.59 12.71
CA ALA A 81 26.25 3.42 12.35
C ALA A 81 25.75 2.89 11.01
N TYR A 82 26.65 2.36 10.20
CA TYR A 82 26.24 1.80 8.91
C TYR A 82 25.19 0.72 9.12
N GLU A 83 25.41 -0.12 10.13
CA GLU A 83 24.47 -1.19 10.42
C GLU A 83 24.43 -1.53 11.90
N ALA A 84 23.39 -1.06 12.56
CA ALA A 84 23.19 -1.31 13.98
C ALA A 84 21.69 -1.31 14.25
N THR A 85 21.24 -2.19 15.14
CA THR A 85 19.82 -2.28 15.46
C THR A 85 19.32 -0.88 15.80
N SER A 86 18.35 -0.40 15.03
CA SER A 86 17.84 0.95 15.25
C SER A 86 16.47 1.20 14.64
N LEU A 87 15.78 0.16 14.20
CA LEU A 87 14.47 0.32 13.58
C LEU A 87 13.46 1.00 14.50
N ASN A 88 13.38 0.57 15.76
CA ASN A 88 12.42 1.16 16.69
C ASN A 88 12.57 2.68 16.83
N VAL A 89 13.80 3.16 17.00
CA VAL A 89 14.00 4.61 17.14
C VAL A 89 13.74 5.34 15.83
N ARG A 90 14.15 4.74 14.71
CA ARG A 90 13.93 5.37 13.41
C ARG A 90 12.42 5.46 13.14
N HIS A 91 11.73 4.35 13.40
CA HIS A 91 10.30 4.25 13.20
C HIS A 91 9.49 5.29 13.97
N LYS A 92 9.89 5.55 15.20
CA LYS A 92 9.18 6.53 16.02
C LYS A 92 9.19 7.90 15.34
N MET A 93 10.36 8.33 14.89
CA MET A 93 10.49 9.62 14.23
C MET A 93 9.84 9.62 12.85
N GLN A 94 9.99 8.51 12.13
CA GLN A 94 9.44 8.34 10.79
C GLN A 94 7.92 8.49 10.79
N VAL A 95 7.25 7.79 11.71
CA VAL A 95 5.80 7.84 11.81
C VAL A 95 5.29 9.26 12.12
N LYS A 96 5.96 9.94 13.03
CA LYS A 96 5.57 11.29 13.42
C LYS A 96 5.89 12.30 12.32
N GLY A 97 7.06 12.14 11.70
CA GLY A 97 7.47 13.06 10.66
C GLY A 97 6.65 13.03 9.39
N VAL A 98 6.34 11.84 8.87
CA VAL A 98 5.57 11.75 7.65
C VAL A 98 4.19 12.40 7.83
N ALA A 99 3.61 12.24 9.00
CA ALA A 99 2.29 12.81 9.27
C ALA A 99 2.33 14.33 9.33
N GLU A 100 3.31 14.87 10.04
CA GLU A 100 3.45 16.32 10.20
C GLU A 100 3.73 17.04 8.89
N LEU A 101 4.65 16.48 8.11
CA LEU A 101 5.01 17.07 6.82
C LEU A 101 3.82 16.93 5.87
N GLY A 102 3.16 15.79 5.95
CA GLY A 102 2.01 15.54 5.10
C GLY A 102 0.88 16.52 5.38
N LYS A 103 0.67 16.82 6.65
CA LYS A 103 -0.39 17.75 7.03
C LYS A 103 -0.12 19.14 6.45
N GLU A 104 1.13 19.58 6.53
CA GLU A 104 1.49 20.90 6.01
C GLU A 104 1.22 21.01 4.52
N ALA A 105 1.68 20.01 3.76
CA ALA A 105 1.48 20.01 2.32
C ALA A 105 0.00 19.92 1.97
N ALA A 106 -0.74 19.09 2.71
CA ALA A 106 -2.16 18.93 2.46
C ALA A 106 -2.93 20.24 2.67
N LEU A 107 -2.62 20.96 3.72
CA LEU A 107 -3.31 22.23 3.98
C LEU A 107 -3.06 23.24 2.85
N LYS A 108 -1.84 23.25 2.34
CA LYS A 108 -1.50 24.16 1.24
C LYS A 108 -2.25 23.78 -0.03
N ALA A 109 -2.38 22.49 -0.29
CA ALA A 109 -3.10 22.03 -1.48
C ALA A 109 -4.58 22.37 -1.33
N ILE A 110 -5.12 22.11 -0.14
CA ILE A 110 -6.54 22.40 0.11
C ILE A 110 -6.81 23.90 -0.07
N LYS A 111 -5.89 24.75 0.37
CA LYS A 111 -6.09 26.19 0.20
C LYS A 111 -6.17 26.56 -1.27
N GLU A 112 -5.23 26.09 -2.07
CA GLU A 112 -5.25 26.40 -3.50
C GLU A 112 -6.51 25.86 -4.17
N TRP A 113 -6.94 24.69 -3.75
CA TRP A 113 -8.13 24.04 -4.32
C TRP A 113 -9.34 24.95 -4.24
N GLY A 114 -9.52 25.63 -3.10
CA GLY A 114 -10.63 26.55 -2.95
C GLY A 114 -11.95 26.00 -2.46
N GLN A 115 -11.99 24.70 -2.15
CA GLN A 115 -13.21 24.08 -1.65
C GLN A 115 -12.98 23.67 -0.20
N PRO A 116 -14.06 23.53 0.59
CA PRO A 116 -13.86 23.13 1.99
C PRO A 116 -13.39 21.68 2.02
N LYS A 117 -12.55 21.35 3.00
CA LYS A 117 -12.03 19.99 3.11
C LYS A 117 -13.11 18.93 3.28
N SER A 118 -14.32 19.36 3.65
CA SER A 118 -15.42 18.44 3.83
C SER A 118 -15.84 17.81 2.49
N LYS A 119 -15.39 18.40 1.40
CA LYS A 119 -15.72 17.89 0.07
C LYS A 119 -14.77 16.79 -0.38
N ILE A 120 -13.74 16.52 0.41
CA ILE A 120 -12.79 15.46 0.06
C ILE A 120 -13.47 14.12 0.31
N THR A 121 -13.53 13.31 -0.73
CA THR A 121 -14.18 12.00 -0.66
C THR A 121 -13.22 10.81 -0.57
N HIS A 122 -12.01 11.00 -1.08
CA HIS A 122 -10.99 9.95 -1.08
C HIS A 122 -9.64 10.50 -0.66
N LEU A 123 -8.85 9.66 0.00
CA LEU A 123 -7.52 10.04 0.45
C LEU A 123 -6.52 8.94 0.11
N ILE A 124 -5.48 9.31 -0.64
CA ILE A 124 -4.43 8.37 -1.01
C ILE A 124 -3.16 8.86 -0.32
N VAL A 125 -2.56 8.01 0.49
CA VAL A 125 -1.32 8.39 1.17
C VAL A 125 -0.22 7.42 0.77
N CYS A 126 0.94 7.97 0.47
CA CYS A 126 2.08 7.17 0.05
C CYS A 126 3.33 7.57 0.83
N CYS A 127 3.92 6.59 1.50
CA CYS A 127 5.11 6.82 2.31
C CYS A 127 6.16 5.75 2.08
N LEU A 128 7.37 6.19 1.74
CA LEU A 128 8.48 5.28 1.51
C LEU A 128 8.65 4.35 2.71
N ALA A 129 8.49 4.90 3.90
CA ALA A 129 8.61 4.11 5.12
C ALA A 129 7.80 4.75 6.24
N GLY A 130 7.57 3.99 7.30
CA GLY A 130 6.81 4.49 8.43
C GLY A 130 5.61 3.62 8.74
N VAL A 131 5.71 2.34 8.38
CA VAL A 131 4.62 1.40 8.62
C VAL A 131 3.99 1.48 10.00
N ASP A 132 2.66 1.54 10.02
CA ASP A 132 1.92 1.60 11.27
C ASP A 132 0.49 1.15 10.98
N MET A 133 -0.15 0.57 11.98
CA MET A 133 -1.52 0.08 11.84
C MET A 133 -2.34 0.57 13.04
N PRO A 134 -3.29 1.50 12.81
CA PRO A 134 -3.64 2.13 11.53
C PRO A 134 -2.50 3.00 11.01
N GLY A 135 -2.53 3.29 9.71
CA GLY A 135 -1.46 4.06 9.09
C GLY A 135 -1.57 5.57 9.01
N ALA A 136 -0.69 6.13 8.19
CA ALA A 136 -0.62 7.58 7.99
C ALA A 136 -1.90 8.16 7.40
N ASP A 137 -2.65 7.35 6.65
CA ASP A 137 -3.90 7.81 6.06
C ASP A 137 -4.90 8.07 7.18
N TYR A 138 -4.90 7.19 8.18
CA TYR A 138 -5.77 7.33 9.33
C TYR A 138 -5.36 8.58 10.12
N GLN A 139 -4.06 8.71 10.34
CA GLN A 139 -3.51 9.84 11.09
C GLN A 139 -3.85 11.17 10.42
N LEU A 140 -3.66 11.24 9.10
CA LEU A 140 -3.95 12.47 8.37
C LEU A 140 -5.44 12.78 8.35
N THR A 141 -6.27 11.72 8.34
CA THR A 141 -7.72 11.92 8.35
C THR A 141 -8.09 12.58 9.67
N LYS A 142 -7.41 12.20 10.74
CA LYS A 142 -7.67 12.76 12.06
C LYS A 142 -7.09 14.17 12.18
N LEU A 143 -5.84 14.33 11.76
CA LEU A 143 -5.15 15.62 11.84
C LEU A 143 -5.83 16.74 11.04
N LEU A 144 -6.32 16.39 9.85
CA LEU A 144 -6.98 17.35 8.97
C LEU A 144 -8.48 17.45 9.21
N ASP A 145 -8.99 16.59 10.11
CA ASP A 145 -10.42 16.56 10.43
C ASP A 145 -11.26 16.31 9.19
N LEU A 146 -10.86 15.32 8.39
CA LEU A 146 -11.61 14.99 7.20
C LEU A 146 -12.81 14.14 7.59
N ASP A 147 -13.73 13.93 6.66
CA ASP A 147 -14.92 13.12 6.89
C ASP A 147 -14.44 11.73 7.33
N PRO A 148 -15.00 11.19 8.42
CA PRO A 148 -14.56 9.85 8.86
C PRO A 148 -14.84 8.77 7.82
N SER A 149 -15.74 9.05 6.89
CA SER A 149 -16.07 8.09 5.84
C SER A 149 -15.29 8.35 4.55
N VAL A 150 -14.18 9.08 4.67
CA VAL A 150 -13.35 9.33 3.49
C VAL A 150 -12.79 7.96 3.11
N LYS A 151 -12.79 7.64 1.83
CA LYS A 151 -12.29 6.36 1.34
C LYS A 151 -10.79 6.48 1.17
N ARG A 152 -10.07 5.71 1.98
CA ARG A 152 -8.61 5.76 2.01
C ARG A 152 -7.85 4.62 1.36
N PHE A 153 -6.66 4.97 0.87
CA PHE A 153 -5.73 4.01 0.29
C PHE A 153 -4.37 4.39 0.87
N MET A 154 -3.73 3.41 1.52
CA MET A 154 -2.43 3.62 2.17
C MET A 154 -1.35 2.77 1.52
N PHE A 155 -0.29 3.41 1.02
CA PHE A 155 0.81 2.71 0.37
C PHE A 155 2.15 2.91 1.07
N TYR A 156 2.69 1.85 1.64
CA TYR A 156 3.98 1.91 2.30
C TYR A 156 5.03 1.17 1.47
N HIS A 157 6.25 1.70 1.47
CA HIS A 157 7.36 1.06 0.78
C HIS A 157 7.27 0.79 -0.73
N LEU A 158 6.72 1.74 -1.48
CA LEU A 158 6.66 1.57 -2.92
C LEU A 158 7.94 2.11 -3.53
N GLY A 159 8.28 3.35 -3.18
CA GLY A 159 9.49 3.92 -3.73
C GLY A 159 9.25 5.06 -4.68
N CYS A 160 10.33 5.45 -5.37
CA CYS A 160 10.36 6.57 -6.30
C CYS A 160 9.46 6.61 -7.53
N TYR A 161 8.79 5.51 -7.87
CA TYR A 161 7.91 5.52 -9.04
C TYR A 161 6.47 5.85 -8.62
N ALA A 162 6.24 5.84 -7.32
CA ALA A 162 4.91 6.05 -6.76
C ALA A 162 4.18 7.35 -7.10
N GLY A 163 4.90 8.36 -7.58
CA GLY A 163 4.23 9.60 -7.95
C GLY A 163 3.29 9.26 -9.09
N GLY A 164 3.72 8.35 -9.96
CA GLY A 164 2.90 7.94 -11.07
C GLY A 164 1.80 7.01 -10.60
N THR A 165 2.13 6.14 -9.66
CA THR A 165 1.18 5.19 -9.11
C THR A 165 -0.04 5.87 -8.50
N VAL A 166 0.18 6.90 -7.69
CA VAL A 166 -0.94 7.59 -7.05
C VAL A 166 -1.84 8.33 -8.04
N LEU A 167 -1.26 8.84 -9.13
CA LEU A 167 -2.05 9.53 -10.14
C LEU A 167 -2.86 8.49 -10.92
N ARG A 168 -2.25 7.34 -11.15
CA ARG A 168 -2.91 6.24 -11.87
C ARG A 168 -4.13 5.80 -11.07
N LEU A 169 -3.99 5.75 -9.76
CA LEU A 169 -5.09 5.37 -8.88
C LEU A 169 -6.14 6.48 -8.85
N ALA A 170 -5.67 7.70 -8.63
CA ALA A 170 -6.57 8.86 -8.56
C ALA A 170 -7.40 9.04 -9.83
N LYS A 171 -6.80 8.77 -10.99
CA LYS A 171 -7.53 8.94 -12.24
C LYS A 171 -8.76 8.02 -12.30
N ASP A 172 -8.58 6.75 -11.94
CA ASP A 172 -9.71 5.82 -11.98
C ASP A 172 -10.76 6.11 -10.91
N ILE A 173 -10.33 6.56 -9.74
CA ILE A 173 -11.30 6.90 -8.69
C ILE A 173 -12.16 8.08 -9.12
N ALA A 174 -11.50 9.16 -9.54
CA ALA A 174 -12.21 10.37 -9.93
C ALA A 174 -13.12 10.20 -11.12
N GLU A 175 -12.73 9.37 -12.07
CA GLU A 175 -13.53 9.18 -13.27
C GLU A 175 -14.67 8.17 -13.13
N ASN A 176 -14.60 7.31 -12.12
CA ASN A 176 -15.65 6.32 -11.93
C ASN A 176 -16.63 6.71 -10.84
N ASN A 177 -16.36 7.81 -10.15
CA ASN A 177 -17.21 8.27 -9.07
C ASN A 177 -17.55 9.74 -9.25
N LYS A 178 -18.77 10.01 -9.70
CA LYS A 178 -19.20 11.38 -9.94
C LYS A 178 -19.06 12.25 -8.70
N GLY A 179 -18.41 13.40 -8.87
CA GLY A 179 -18.21 14.33 -7.78
C GLY A 179 -17.04 14.00 -6.85
N ALA A 180 -16.39 12.86 -7.08
CA ALA A 180 -15.28 12.48 -6.23
C ALA A 180 -14.15 13.50 -6.26
N ARG A 181 -13.61 13.80 -5.08
CA ARG A 181 -12.49 14.73 -4.97
C ARG A 181 -11.44 14.02 -4.14
N VAL A 182 -10.33 13.70 -4.79
CA VAL A 182 -9.24 12.95 -4.19
C VAL A 182 -8.06 13.76 -3.67
N LEU A 183 -7.72 13.55 -2.40
CA LEU A 183 -6.56 14.22 -1.82
C LEU A 183 -5.43 13.19 -1.81
N ILE A 184 -4.32 13.54 -2.43
CA ILE A 184 -3.15 12.67 -2.49
C ILE A 184 -2.05 13.29 -1.64
N VAL A 185 -1.40 12.47 -0.82
CA VAL A 185 -0.30 12.95 -0.02
C VAL A 185 0.88 11.99 -0.09
N CYS A 186 1.98 12.45 -0.66
CA CYS A 186 3.20 11.64 -0.77
C CYS A 186 4.15 12.31 0.21
N SER A 187 4.41 11.64 1.33
CA SER A 187 5.27 12.20 2.35
C SER A 187 6.50 11.32 2.51
N GLU A 188 7.64 11.82 2.05
CA GLU A 188 8.88 11.08 2.08
C GLU A 188 9.92 11.60 3.08
N MET A 189 10.37 10.72 3.96
CA MET A 189 11.37 11.06 4.97
C MET A 189 12.47 10.00 4.91
N THR A 190 13.72 10.45 4.99
CA THR A 190 14.86 9.53 4.89
C THR A 190 15.48 9.11 6.23
N THR A 191 14.78 9.40 7.33
CA THR A 191 15.29 9.03 8.65
C THR A 191 15.40 7.52 8.75
N THR A 192 14.54 6.82 8.04
CA THR A 192 14.54 5.36 8.04
C THR A 192 15.75 4.75 7.35
N CYS A 193 16.32 5.48 6.39
CA CYS A 193 17.46 4.96 5.65
C CYS A 193 18.79 5.68 5.87
N PHE A 194 18.80 6.72 6.69
CA PHE A 194 20.06 7.44 6.95
C PHE A 194 21.00 6.52 7.72
N ARG A 195 22.25 6.44 7.27
CA ARG A 195 23.22 5.58 7.95
C ARG A 195 24.64 5.88 7.50
N GLY A 196 25.61 5.44 8.30
CA GLY A 196 27.01 5.66 7.98
C GLY A 196 27.46 4.96 6.71
N PRO A 197 28.65 5.31 6.20
CA PRO A 197 29.21 4.73 4.98
C PRO A 197 29.89 3.37 5.18
N SER A 198 29.98 2.61 4.10
CA SER A 198 30.59 1.29 4.11
C SER A 198 31.46 1.11 2.86
N GLU A 199 32.75 0.86 3.06
CA GLU A 199 33.67 0.68 1.95
C GLU A 199 33.31 -0.53 1.07
N THR A 200 32.70 -1.54 1.68
CA THR A 200 32.30 -2.74 0.95
C THR A 200 30.90 -2.64 0.38
N HIS A 201 30.25 -1.50 0.61
CA HIS A 201 28.89 -1.27 0.12
C HIS A 201 28.74 0.16 -0.37
N LEU A 202 29.43 0.47 -1.46
CA LEU A 202 29.40 1.81 -2.05
C LEU A 202 28.01 2.23 -2.51
N ASP A 203 27.06 1.28 -2.51
CA ASP A 203 25.69 1.55 -2.91
C ASP A 203 25.02 2.50 -1.93
N SER A 204 24.88 2.05 -0.69
CA SER A 204 24.25 2.82 0.38
C SER A 204 24.72 4.27 0.40
N MET A 205 26.02 4.46 0.19
CA MET A 205 26.62 5.78 0.21
C MET A 205 25.96 6.75 -0.79
N ILE A 206 25.61 6.24 -1.96
CA ILE A 206 24.97 7.05 -2.98
C ILE A 206 23.67 7.64 -2.45
N GLY A 207 22.88 6.81 -1.79
CA GLY A 207 21.62 7.28 -1.24
C GLY A 207 21.81 8.43 -0.27
N GLN A 208 22.89 8.38 0.49
CA GLN A 208 23.19 9.41 1.48
C GLN A 208 23.53 10.75 0.81
N ALA A 209 23.93 10.70 -0.45
CA ALA A 209 24.28 11.91 -1.17
C ALA A 209 23.15 12.46 -2.04
N LEU A 210 22.19 11.61 -2.38
CA LEU A 210 21.10 12.02 -3.26
C LEU A 210 19.71 12.25 -2.66
N PHE A 211 19.33 11.46 -1.66
CA PHE A 211 17.99 11.56 -1.08
C PHE A 211 17.73 12.68 -0.08
N GLY A 212 16.61 13.37 -0.28
CA GLY A 212 16.19 14.45 0.59
C GLY A 212 14.77 14.20 1.08
N ASP A 213 14.32 14.99 2.04
CA ASP A 213 12.97 14.84 2.59
C ASP A 213 11.99 15.85 2.02
N GLY A 214 10.73 15.44 1.90
CA GLY A 214 9.72 16.34 1.38
C GLY A 214 8.38 15.68 1.22
N ALA A 215 7.33 16.48 1.27
CA ALA A 215 5.98 15.97 1.10
C ALA A 215 5.26 16.83 0.08
N ALA A 216 4.41 16.20 -0.70
CA ALA A 216 3.64 16.90 -1.71
C ALA A 216 2.21 16.39 -1.62
N ALA A 217 1.26 17.29 -1.81
CA ALA A 217 -0.14 16.93 -1.75
C ALA A 217 -0.81 17.51 -2.98
N VAL A 218 -1.76 16.79 -3.55
CA VAL A 218 -2.48 17.28 -4.72
C VAL A 218 -3.95 16.89 -4.63
N ILE A 219 -4.79 17.68 -5.27
CA ILE A 219 -6.22 17.40 -5.31
C ILE A 219 -6.52 17.00 -6.74
N VAL A 220 -7.19 15.86 -6.92
CA VAL A 220 -7.55 15.38 -8.24
C VAL A 220 -9.05 15.17 -8.32
N GLY A 221 -9.65 15.59 -9.42
CA GLY A 221 -11.08 15.41 -9.60
C GLY A 221 -11.47 15.56 -11.06
N ALA A 222 -12.57 14.94 -11.45
CA ALA A 222 -13.04 15.05 -12.82
C ALA A 222 -14.20 16.04 -12.81
N ASP A 223 -14.47 16.65 -13.97
CA ASP A 223 -15.55 17.61 -14.11
C ASP A 223 -15.44 18.75 -13.09
N PRO A 224 -14.43 19.61 -13.26
CA PRO A 224 -14.26 20.72 -12.31
C PRO A 224 -15.34 21.79 -12.39
N ASP A 225 -15.62 22.39 -11.25
CA ASP A 225 -16.59 23.47 -11.15
C ASP A 225 -15.71 24.69 -11.41
N LEU A 226 -15.70 25.17 -12.66
CA LEU A 226 -14.85 26.28 -13.04
C LEU A 226 -15.10 27.62 -12.38
N THR A 227 -16.14 27.73 -11.55
CA THR A 227 -16.39 28.98 -10.87
C THR A 227 -15.57 29.03 -9.58
N VAL A 228 -15.03 27.89 -9.17
CA VAL A 228 -14.23 27.83 -7.95
C VAL A 228 -12.92 27.05 -8.14
N GLU A 229 -13.01 25.89 -8.78
CA GLU A 229 -11.83 25.06 -9.01
C GLU A 229 -11.04 25.55 -10.22
N ARG A 230 -9.73 25.38 -10.16
CA ARG A 230 -8.84 25.81 -11.24
C ARG A 230 -7.87 24.71 -11.67
N PRO A 231 -8.19 24.04 -12.79
CA PRO A 231 -7.38 22.95 -13.34
C PRO A 231 -5.92 23.35 -13.60
N ILE A 232 -5.00 22.41 -13.45
CA ILE A 232 -3.59 22.66 -13.68
C ILE A 232 -3.11 21.72 -14.79
N PHE A 233 -3.38 20.43 -14.61
CA PHE A 233 -3.02 19.42 -15.60
C PHE A 233 -4.09 18.33 -15.64
N GLU A 234 -4.33 17.79 -16.84
CA GLU A 234 -5.30 16.71 -17.01
C GLU A 234 -4.55 15.40 -17.14
N LEU A 235 -5.08 14.35 -16.50
CA LEU A 235 -4.47 13.02 -16.55
C LEU A 235 -5.13 12.25 -17.71
N VAL A 236 -4.42 12.17 -18.83
CA VAL A 236 -4.93 11.52 -20.04
C VAL A 236 -4.91 9.99 -20.02
N SER A 237 -3.75 9.42 -19.71
CA SER A 237 -3.62 7.97 -19.66
C SER A 237 -2.49 7.60 -18.70
N THR A 238 -2.51 6.37 -18.21
CA THR A 238 -1.48 5.93 -17.28
C THR A 238 -1.06 4.51 -17.64
N ALA A 239 0.19 4.19 -17.33
CA ALA A 239 0.73 2.86 -17.61
C ALA A 239 1.85 2.57 -16.61
N GLN A 240 2.15 1.28 -16.43
CA GLN A 240 3.23 0.86 -15.54
C GLN A 240 3.85 -0.35 -16.20
N THR A 241 5.17 -0.45 -16.13
CA THR A 241 5.85 -1.59 -16.73
C THR A 241 7.14 -1.92 -15.99
N ILE A 242 7.64 -3.12 -16.23
CA ILE A 242 8.88 -3.57 -15.61
C ILE A 242 9.92 -3.59 -16.71
N VAL A 243 11.01 -2.85 -16.52
CA VAL A 243 12.08 -2.78 -17.52
C VAL A 243 12.71 -4.15 -17.72
N PRO A 244 12.83 -4.60 -18.98
CA PRO A 244 13.42 -5.90 -19.29
C PRO A 244 14.86 -6.02 -18.75
N GLU A 245 15.22 -7.22 -18.31
CA GLU A 245 16.55 -7.51 -17.78
C GLU A 245 17.05 -6.52 -16.72
N SER A 246 16.17 -6.10 -15.82
CA SER A 246 16.55 -5.13 -14.79
C SER A 246 16.43 -5.71 -13.38
N HIS A 247 16.26 -7.02 -13.28
CA HIS A 247 16.10 -7.65 -11.97
C HIS A 247 17.19 -7.35 -10.96
N GLY A 248 16.77 -6.90 -9.77
CA GLY A 248 17.68 -6.59 -8.69
C GLY A 248 18.48 -5.30 -8.80
N ALA A 249 18.18 -4.49 -9.81
CA ALA A 249 18.92 -3.24 -10.03
C ALA A 249 18.68 -2.18 -8.95
N ILE A 250 17.48 -2.18 -8.39
CA ILE A 250 17.12 -1.22 -7.34
C ILE A 250 16.37 -1.97 -6.26
N GLU A 251 17.00 -2.17 -5.10
CA GLU A 251 16.33 -2.88 -4.02
C GLU A 251 16.40 -2.17 -2.68
N GLY A 252 15.36 -2.37 -1.88
CA GLY A 252 15.29 -1.77 -0.57
C GLY A 252 14.71 -2.79 0.39
N HIS A 253 15.40 -3.05 1.49
CA HIS A 253 14.93 -4.01 2.47
C HIS A 253 14.78 -3.37 3.84
N LEU A 254 13.67 -3.66 4.52
CA LEU A 254 13.44 -3.12 5.85
C LEU A 254 14.01 -4.09 6.86
N LEU A 255 15.13 -3.71 7.46
CA LEU A 255 15.81 -4.55 8.45
C LEU A 255 15.78 -3.95 9.84
N GLU A 256 16.40 -4.64 10.78
CA GLU A 256 16.48 -4.20 12.17
C GLU A 256 17.33 -2.94 12.27
N SER A 257 18.07 -2.64 11.20
CA SER A 257 18.92 -1.45 11.17
C SER A 257 18.30 -0.38 10.27
N GLY A 258 17.01 -0.52 9.98
CA GLY A 258 16.35 0.45 9.13
C GLY A 258 16.25 -0.03 7.69
N LEU A 259 15.88 0.89 6.81
CA LEU A 259 15.73 0.57 5.39
C LEU A 259 17.07 0.60 4.68
N SER A 260 17.41 -0.50 4.01
CA SER A 260 18.66 -0.60 3.27
C SER A 260 18.44 -0.13 1.85
N PHE A 261 19.53 0.19 1.15
CA PHE A 261 19.46 0.65 -0.22
C PHE A 261 20.54 0.00 -1.08
N HIS A 262 20.12 -0.64 -2.17
CA HIS A 262 21.05 -1.30 -3.08
C HIS A 262 20.77 -0.79 -4.50
N LEU A 263 21.84 -0.37 -5.19
CA LEU A 263 21.68 0.18 -6.53
C LEU A 263 22.78 -0.26 -7.51
N TYR A 264 22.37 -0.86 -8.62
CA TYR A 264 23.31 -1.30 -9.65
C TYR A 264 23.80 -0.05 -10.38
N LYS A 265 25.01 -0.13 -10.95
CA LYS A 265 25.56 0.99 -11.70
C LYS A 265 24.86 1.08 -13.05
N THR A 266 24.16 0.01 -13.41
CA THR A 266 23.46 -0.07 -14.69
C THR A 266 22.10 0.64 -14.73
N VAL A 267 21.63 1.12 -13.58
CA VAL A 267 20.32 1.78 -13.54
C VAL A 267 20.10 2.86 -14.60
N PRO A 268 21.03 3.84 -14.72
CA PRO A 268 20.81 4.87 -15.73
C PRO A 268 20.67 4.30 -17.14
N THR A 269 21.49 3.31 -17.46
CA THR A 269 21.45 2.68 -18.77
C THR A 269 20.15 1.90 -18.98
N LEU A 270 19.74 1.15 -17.97
CA LEU A 270 18.52 0.36 -18.06
C LEU A 270 17.28 1.22 -18.29
N ILE A 271 17.18 2.33 -17.55
CA ILE A 271 16.05 3.23 -17.67
C ILE A 271 16.05 3.98 -19.00
N SER A 272 17.16 4.67 -19.29
CA SER A 272 17.26 5.45 -20.53
C SER A 272 17.01 4.63 -21.79
N ASN A 273 17.48 3.38 -21.82
CA ASN A 273 17.30 2.53 -22.99
C ASN A 273 15.86 2.06 -23.20
N ASN A 274 15.03 2.23 -22.18
CA ASN A 274 13.63 1.78 -22.26
C ASN A 274 12.60 2.91 -22.39
N ILE A 275 13.05 4.15 -22.17
CA ILE A 275 12.15 5.30 -22.24
C ILE A 275 11.42 5.48 -23.58
N LYS A 276 12.13 5.27 -24.69
CA LYS A 276 11.49 5.42 -25.99
C LYS A 276 10.36 4.42 -26.17
N THR A 277 10.50 3.25 -25.55
CA THR A 277 9.47 2.23 -25.65
C THR A 277 8.24 2.70 -24.88
N CYS A 278 8.46 3.27 -23.69
CA CYS A 278 7.37 3.77 -22.87
C CYS A 278 6.65 4.91 -23.59
N LEU A 279 7.42 5.78 -24.23
CA LEU A 279 6.84 6.92 -24.95
C LEU A 279 6.01 6.43 -26.13
N SER A 280 6.53 5.45 -26.86
CA SER A 280 5.84 4.91 -28.01
C SER A 280 4.51 4.29 -27.59
N ASP A 281 4.53 3.48 -26.54
CA ASP A 281 3.31 2.82 -26.07
C ASP A 281 2.26 3.85 -25.60
N ALA A 282 2.73 4.93 -25.02
CA ALA A 282 1.84 5.97 -24.52
C ALA A 282 1.34 6.97 -25.56
N PHE A 283 2.21 7.37 -26.48
CA PHE A 283 1.83 8.37 -27.47
C PHE A 283 1.45 7.93 -28.87
N THR A 284 1.79 6.72 -29.26
CA THR A 284 1.42 6.26 -30.59
C THR A 284 -0.09 6.30 -30.76
N PRO A 285 -0.86 5.88 -29.74
CA PRO A 285 -2.32 5.92 -29.86
C PRO A 285 -2.82 7.34 -30.05
N LEU A 286 -1.98 8.32 -29.71
CA LEU A 286 -2.35 9.73 -29.84
C LEU A 286 -1.72 10.38 -31.07
N ASN A 287 -1.07 9.56 -31.89
CA ASN A 287 -0.43 10.04 -33.11
C ASN A 287 0.67 11.08 -32.82
N ILE A 288 1.35 10.91 -31.70
CA ILE A 288 2.44 11.82 -31.34
C ILE A 288 3.74 11.04 -31.38
N SER A 289 4.74 11.60 -32.04
CA SER A 289 6.04 10.94 -32.16
C SER A 289 7.22 11.86 -31.87
N ASP A 290 6.96 13.16 -31.82
CA ASP A 290 8.00 14.16 -31.55
C ASP A 290 8.10 14.37 -30.05
N TRP A 291 9.09 13.75 -29.43
CA TRP A 291 9.29 13.83 -27.99
C TRP A 291 9.63 15.23 -27.49
N ASN A 292 10.10 16.09 -28.39
CA ASN A 292 10.44 17.46 -28.01
C ASN A 292 9.22 18.38 -28.04
N SER A 293 8.10 17.86 -28.52
CA SER A 293 6.88 18.66 -28.58
C SER A 293 6.11 18.56 -27.27
N LEU A 294 6.59 17.71 -26.37
CA LEU A 294 5.95 17.50 -25.08
C LEU A 294 6.66 18.26 -23.96
N PHE A 295 5.93 18.57 -22.89
CA PHE A 295 6.58 19.18 -21.74
C PHE A 295 6.89 17.95 -20.90
N TRP A 296 8.04 17.97 -20.22
CA TRP A 296 8.51 16.83 -19.44
C TRP A 296 8.57 17.00 -17.92
N ILE A 297 8.03 16.02 -17.21
CA ILE A 297 8.08 16.00 -15.75
C ILE A 297 8.61 14.60 -15.42
N ALA A 298 9.91 14.52 -15.16
CA ALA A 298 10.52 13.23 -14.87
C ALA A 298 11.17 13.13 -13.50
N HIS A 299 10.96 11.99 -12.83
CA HIS A 299 11.56 11.78 -11.53
C HIS A 299 13.08 11.81 -11.70
N PRO A 300 13.76 12.70 -10.96
CA PRO A 300 15.22 12.80 -11.05
C PRO A 300 15.94 11.87 -10.09
N GLY A 301 16.04 10.60 -10.45
CA GLY A 301 16.70 9.63 -9.59
C GLY A 301 18.14 10.07 -9.33
N GLY A 302 18.77 10.63 -10.35
CA GLY A 302 20.14 11.09 -10.24
C GLY A 302 20.48 11.88 -11.49
N PRO A 303 21.57 12.67 -11.48
CA PRO A 303 21.94 13.45 -12.66
C PRO A 303 22.27 12.58 -13.87
N ALA A 304 22.82 11.40 -13.62
CA ALA A 304 23.17 10.48 -14.70
C ALA A 304 21.94 10.04 -15.48
N ILE A 305 20.84 9.81 -14.78
CA ILE A 305 19.62 9.37 -15.44
C ILE A 305 19.06 10.46 -16.34
N LEU A 306 19.10 11.69 -15.87
CA LEU A 306 18.60 12.82 -16.65
C LEU A 306 19.46 13.02 -17.89
N ASP A 307 20.77 12.87 -17.74
CA ASP A 307 21.67 13.04 -18.89
C ASP A 307 21.44 11.95 -19.92
N GLN A 308 21.29 10.71 -19.47
CA GLN A 308 21.08 9.60 -20.40
C GLN A 308 19.72 9.63 -21.08
N VAL A 309 18.69 10.01 -20.35
CA VAL A 309 17.36 10.10 -20.94
C VAL A 309 17.36 11.18 -22.02
N THR A 310 18.02 12.30 -21.73
CA THR A 310 18.10 13.40 -22.68
C THR A 310 18.80 12.96 -23.96
N ALA A 311 19.95 12.30 -23.81
CA ALA A 311 20.72 11.84 -24.95
C ALA A 311 20.03 10.77 -25.79
N LYS A 312 19.53 9.72 -25.15
CA LYS A 312 18.89 8.63 -25.86
C LYS A 312 17.53 8.98 -26.47
N VAL A 313 16.78 9.84 -25.81
CA VAL A 313 15.48 10.25 -26.32
C VAL A 313 15.64 11.35 -27.38
N GLY A 314 16.76 12.07 -27.30
CA GLY A 314 17.01 13.14 -28.25
C GLY A 314 16.33 14.43 -27.86
N LEU A 315 16.25 14.70 -26.56
CA LEU A 315 15.61 15.91 -26.08
C LEU A 315 16.51 17.13 -26.17
N GLU A 316 15.90 18.29 -26.42
CA GLU A 316 16.62 19.55 -26.50
C GLU A 316 17.20 19.77 -25.11
N LYS A 317 18.32 20.47 -25.02
CA LYS A 317 18.99 20.71 -23.75
C LYS A 317 18.16 21.28 -22.60
N GLU A 318 17.15 22.10 -22.91
CA GLU A 318 16.35 22.70 -21.84
C GLU A 318 15.05 21.97 -21.52
N LYS A 319 14.81 20.83 -22.15
CA LYS A 319 13.58 20.10 -21.90
C LYS A 319 13.37 19.72 -20.45
N LEU A 320 14.43 19.28 -19.77
CA LEU A 320 14.32 18.89 -18.37
C LEU A 320 14.79 19.97 -17.40
N LYS A 321 14.69 21.22 -17.84
CA LYS A 321 15.12 22.35 -17.03
C LYS A 321 14.49 22.38 -15.63
N VAL A 322 13.16 22.31 -15.59
CA VAL A 322 12.46 22.35 -14.31
C VAL A 322 12.83 21.15 -13.44
N THR A 323 12.90 19.98 -14.06
CA THR A 323 13.25 18.76 -13.33
C THR A 323 14.63 18.92 -12.68
N ARG A 324 15.58 19.44 -13.43
CA ARG A 324 16.93 19.63 -12.90
C ARG A 324 16.95 20.69 -11.79
N GLN A 325 16.09 21.70 -11.92
CA GLN A 325 16.04 22.76 -10.92
C GLN A 325 15.57 22.23 -9.57
N VAL A 326 14.60 21.32 -9.61
CA VAL A 326 14.07 20.73 -8.38
C VAL A 326 15.14 19.84 -7.74
N LEU A 327 15.84 19.06 -8.56
CA LEU A 327 16.90 18.20 -8.04
C LEU A 327 17.95 19.07 -7.36
N LYS A 328 18.27 20.19 -8.00
CA LYS A 328 19.25 21.12 -7.44
C LYS A 328 18.80 21.74 -6.13
N ASP A 329 17.53 22.14 -6.06
CA ASP A 329 16.98 22.78 -4.86
C ASP A 329 16.50 21.87 -3.73
N TYR A 330 16.21 20.60 -4.02
CA TYR A 330 15.71 19.71 -2.99
C TYR A 330 16.30 18.30 -2.94
N GLY A 331 17.02 17.91 -3.98
CA GLY A 331 17.57 16.57 -4.00
C GLY A 331 16.45 15.63 -4.45
N ASN A 332 16.70 14.32 -4.31
CA ASN A 332 15.73 13.29 -4.69
C ASN A 332 14.78 13.04 -3.53
N MET A 333 13.51 13.44 -3.67
CA MET A 333 12.53 13.25 -2.60
C MET A 333 11.58 12.10 -2.89
N SER A 334 12.09 11.07 -3.55
CA SER A 334 11.28 9.90 -3.88
C SER A 334 9.98 10.25 -4.58
N SER A 335 8.88 9.61 -4.18
CA SER A 335 7.60 9.84 -4.85
C SER A 335 7.06 11.27 -4.88
N ALA A 336 7.45 12.10 -3.93
CA ALA A 336 6.96 13.48 -3.91
C ALA A 336 7.61 14.37 -4.96
N THR A 337 8.81 14.03 -5.39
CA THR A 337 9.56 14.83 -6.35
C THR A 337 8.83 15.31 -7.60
N VAL A 338 8.15 14.41 -8.31
CA VAL A 338 7.46 14.84 -9.52
C VAL A 338 6.42 15.92 -9.30
N PHE A 339 5.86 15.98 -8.09
CA PHE A 339 4.85 17.00 -7.79
C PHE A 339 5.50 18.35 -7.53
N PHE A 340 6.72 18.34 -7.01
CA PHE A 340 7.46 19.59 -6.79
C PHE A 340 7.75 20.15 -8.18
N ILE A 341 8.10 19.25 -9.10
CA ILE A 341 8.41 19.63 -10.48
C ILE A 341 7.14 20.14 -11.18
N MET A 342 6.04 19.45 -10.98
CA MET A 342 4.77 19.85 -11.58
C MET A 342 4.43 21.27 -11.12
N ASP A 343 4.60 21.49 -9.81
CA ASP A 343 4.31 22.77 -9.18
C ASP A 343 5.16 23.89 -9.77
N GLU A 344 6.47 23.67 -9.82
CA GLU A 344 7.40 24.67 -10.35
C GLU A 344 7.20 24.93 -11.84
N MET A 345 6.79 23.91 -12.59
CA MET A 345 6.58 24.10 -14.02
C MET A 345 5.48 25.10 -14.32
N ARG A 346 4.34 24.99 -13.65
CA ARG A 346 3.27 25.94 -13.91
C ARG A 346 3.64 27.32 -13.37
N LYS A 347 4.45 27.37 -12.32
CA LYS A 347 4.88 28.66 -11.76
C LYS A 347 5.79 29.37 -12.77
N LYS A 348 6.77 28.64 -13.29
CA LYS A 348 7.71 29.20 -14.26
C LYS A 348 7.01 29.58 -15.56
N SER A 349 6.05 28.78 -15.99
CA SER A 349 5.32 29.05 -17.22
C SER A 349 4.56 30.37 -17.09
N LEU A 350 3.98 30.60 -15.91
CA LEU A 350 3.25 31.83 -15.67
C LEU A 350 4.20 33.01 -15.68
N GLU A 351 5.33 32.86 -15.02
CA GLU A 351 6.32 33.93 -14.95
C GLU A 351 6.89 34.25 -16.33
N ASN A 352 6.95 33.24 -17.19
CA ASN A 352 7.45 33.44 -18.54
C ASN A 352 6.35 33.88 -19.51
N GLY A 353 5.15 34.09 -18.96
CA GLY A 353 4.02 34.52 -19.77
C GLY A 353 3.63 33.56 -20.88
N GLN A 354 3.72 32.26 -20.60
CA GLN A 354 3.37 31.27 -21.61
C GLN A 354 1.88 30.94 -21.61
N ALA A 355 1.42 30.39 -22.74
CA ALA A 355 0.02 30.07 -22.96
C ALA A 355 -0.61 28.90 -22.23
N THR A 356 0.22 28.03 -21.65
CA THR A 356 -0.31 26.88 -20.92
C THR A 356 0.53 26.60 -19.69
N THR A 357 0.00 25.78 -18.79
CA THR A 357 0.70 25.42 -17.57
C THR A 357 1.90 24.53 -17.90
N GLY A 358 1.92 23.99 -19.11
CA GLY A 358 3.00 23.11 -19.52
C GLY A 358 4.02 23.77 -20.43
N GLU A 359 4.60 24.87 -19.97
CA GLU A 359 5.60 25.60 -20.75
C GLU A 359 5.06 26.02 -22.12
N GLY A 360 3.76 26.27 -22.18
CA GLY A 360 3.13 26.70 -23.41
C GLY A 360 2.79 25.58 -24.38
N LEU A 361 3.14 24.35 -24.01
CA LEU A 361 2.86 23.20 -24.87
C LEU A 361 1.55 22.52 -24.46
N GLU A 362 0.98 21.74 -25.37
CA GLU A 362 -0.29 21.08 -25.11
C GLU A 362 -0.19 19.72 -24.41
N TRP A 363 0.67 18.85 -24.92
CA TRP A 363 0.84 17.51 -24.37
C TRP A 363 2.13 17.36 -23.57
N GLY A 364 2.08 16.52 -22.56
CA GLY A 364 3.26 16.29 -21.74
C GLY A 364 3.32 14.88 -21.21
N VAL A 365 4.40 14.56 -20.51
CA VAL A 365 4.57 13.23 -19.95
C VAL A 365 5.23 13.32 -18.57
N LEU A 366 4.75 12.47 -17.65
CA LEU A 366 5.32 12.42 -16.32
C LEU A 366 5.85 11.00 -16.13
N PHE A 367 7.07 10.90 -15.64
CA PHE A 367 7.71 9.61 -15.42
C PHE A 367 8.14 9.35 -13.98
N GLY A 368 7.79 8.16 -13.48
CA GLY A 368 8.19 7.77 -12.15
C GLY A 368 9.08 6.56 -12.35
N PHE A 369 10.23 6.50 -11.67
CA PHE A 369 11.15 5.36 -11.81
C PHE A 369 11.42 4.81 -10.42
N GLY A 370 11.51 3.48 -10.30
CA GLY A 370 11.76 2.91 -8.99
C GLY A 370 12.04 1.41 -9.01
N PRO A 371 12.01 0.77 -7.83
CA PRO A 371 12.26 -0.67 -7.68
C PRO A 371 11.48 -1.50 -8.69
N GLY A 372 12.18 -2.44 -9.33
CA GLY A 372 11.54 -3.29 -10.32
C GLY A 372 12.52 -3.86 -11.32
N ILE A 373 13.12 -3.03 -12.18
CA ILE A 373 12.87 -1.59 -12.23
C ILE A 373 11.50 -1.30 -12.81
N THR A 374 10.73 -0.47 -12.12
CA THR A 374 9.39 -0.09 -12.53
C THR A 374 9.38 1.31 -13.11
N VAL A 375 8.63 1.50 -14.20
CA VAL A 375 8.47 2.81 -14.81
C VAL A 375 6.98 3.11 -14.89
N GLU A 376 6.56 4.24 -14.34
CA GLU A 376 5.16 4.66 -14.41
C GLU A 376 5.14 5.77 -15.45
N THR A 377 4.26 5.64 -16.44
CA THR A 377 4.16 6.64 -17.50
C THR A 377 2.79 7.27 -17.51
N VAL A 378 2.74 8.58 -17.29
CA VAL A 378 1.47 9.29 -17.27
C VAL A 378 1.45 10.36 -18.36
N VAL A 379 0.46 10.26 -19.26
CA VAL A 379 0.32 11.25 -20.31
C VAL A 379 -0.48 12.40 -19.73
N LEU A 380 0.03 13.61 -19.89
CA LEU A 380 -0.64 14.79 -19.35
C LEU A 380 -1.04 15.75 -20.45
N ARG A 381 -1.99 16.61 -20.13
CA ARG A 381 -2.44 17.65 -21.03
C ARG A 381 -2.42 18.91 -20.17
N SER A 382 -1.81 19.97 -20.69
CA SER A 382 -1.74 21.24 -19.96
C SER A 382 -3.11 21.89 -20.05
N VAL A 383 -3.26 23.03 -19.39
CA VAL A 383 -4.51 23.77 -19.44
C VAL A 383 -4.16 25.19 -19.88
N PRO A 384 -5.06 25.84 -20.64
CA PRO A 384 -4.80 27.20 -21.08
C PRO A 384 -4.58 28.16 -19.92
N VAL A 385 -3.70 29.13 -20.13
CA VAL A 385 -3.40 30.14 -19.12
C VAL A 385 -3.54 31.49 -19.80
N ILE A 386 -4.30 32.38 -19.19
CA ILE A 386 -4.52 33.71 -19.76
C ILE A 386 -3.24 34.52 -19.90
N LYS B 11 -22.39 -1.27 -16.42
CA LYS B 11 -22.01 -2.69 -16.16
C LYS B 11 -21.08 -2.76 -14.95
N LEU B 12 -21.58 -3.39 -13.88
CA LEU B 12 -20.83 -3.49 -12.62
C LEU B 12 -19.65 -4.45 -12.63
N ALA B 13 -18.63 -4.10 -11.85
CA ALA B 13 -17.45 -4.94 -11.68
C ALA B 13 -17.99 -6.24 -11.07
N THR B 14 -17.48 -7.37 -11.54
CA THR B 14 -17.95 -8.67 -11.10
C THR B 14 -16.82 -9.62 -10.72
N VAL B 15 -17.00 -10.37 -9.63
CA VAL B 15 -16.02 -11.37 -9.21
C VAL B 15 -16.31 -12.57 -10.11
N MET B 16 -15.31 -13.05 -10.85
CA MET B 16 -15.50 -14.17 -11.77
C MET B 16 -14.70 -15.43 -11.44
N ALA B 17 -13.95 -15.39 -10.35
CA ALA B 17 -13.16 -16.54 -9.95
C ALA B 17 -12.59 -16.32 -8.55
N ILE B 18 -12.42 -17.42 -7.83
CA ILE B 18 -11.85 -17.39 -6.49
C ILE B 18 -11.02 -18.64 -6.30
N GLY B 19 -9.81 -18.46 -5.78
CA GLY B 19 -8.93 -19.59 -5.51
C GLY B 19 -8.29 -19.37 -4.16
N THR B 20 -8.01 -20.43 -3.41
CA THR B 20 -7.40 -20.28 -2.10
C THR B 20 -6.27 -21.27 -1.84
N ALA B 21 -5.47 -20.99 -0.82
CA ALA B 21 -4.35 -21.85 -0.45
C ALA B 21 -3.97 -21.64 1.00
N ASN B 22 -3.36 -22.65 1.61
CA ASN B 22 -2.94 -22.57 3.00
C ASN B 22 -1.66 -23.36 3.20
N PRO B 23 -0.87 -23.02 4.24
CA PRO B 23 0.37 -23.75 4.50
C PRO B 23 -0.04 -25.20 4.77
N PRO B 24 0.88 -26.16 4.61
CA PRO B 24 0.55 -27.57 4.84
C PRO B 24 0.47 -28.03 6.30
N ASN B 25 0.99 -27.24 7.23
CA ASN B 25 0.97 -27.61 8.65
C ASN B 25 -0.36 -27.25 9.31
N CYS B 26 -1.11 -28.26 9.71
CA CYS B 26 -2.41 -28.06 10.34
C CYS B 26 -2.32 -28.18 11.86
N TYR B 27 -2.88 -27.20 12.57
CA TYR B 27 -2.88 -27.20 14.03
C TYR B 27 -4.29 -27.26 14.59
N TYR B 28 -4.62 -28.33 15.30
CA TYR B 28 -5.94 -28.44 15.89
C TYR B 28 -5.97 -27.56 17.14
N GLN B 29 -6.98 -26.69 17.22
CA GLN B 29 -7.11 -25.77 18.34
C GLN B 29 -7.17 -26.46 19.69
N ALA B 30 -7.77 -27.64 19.75
CA ALA B 30 -7.88 -28.38 21.01
C ALA B 30 -6.51 -28.71 21.59
N ASP B 31 -5.50 -28.78 20.73
CA ASP B 31 -4.15 -29.10 21.20
C ASP B 31 -3.20 -27.90 21.16
N PHE B 32 -3.69 -26.75 20.72
CA PHE B 32 -2.82 -25.59 20.62
C PHE B 32 -2.30 -25.02 21.94
N PRO B 33 -3.16 -24.93 22.97
CA PRO B 33 -2.65 -24.39 24.24
C PRO B 33 -1.41 -25.13 24.74
N ASP B 34 -1.46 -26.46 24.75
CA ASP B 34 -0.32 -27.24 25.21
C ASP B 34 0.88 -27.04 24.30
N PHE B 35 0.64 -27.05 23.00
CA PHE B 35 1.72 -26.87 22.03
C PHE B 35 2.40 -25.52 22.22
N TYR B 36 1.58 -24.46 22.23
CA TYR B 36 2.06 -23.10 22.37
C TYR B 36 2.86 -22.85 23.66
N PHE B 37 2.35 -23.28 24.79
CA PHE B 37 3.07 -23.06 26.04
C PHE B 37 4.29 -23.94 26.17
N ARG B 38 4.30 -25.07 25.47
CA ARG B 38 5.45 -25.97 25.51
C ARG B 38 6.59 -25.39 24.67
N VAL B 39 6.30 -25.04 23.42
CA VAL B 39 7.33 -24.51 22.53
C VAL B 39 7.85 -23.13 22.92
N THR B 40 7.10 -22.40 23.75
CA THR B 40 7.53 -21.08 24.18
C THR B 40 8.09 -21.17 25.60
N ASN B 41 8.19 -22.39 26.13
CA ASN B 41 8.71 -22.62 27.46
C ASN B 41 8.00 -21.76 28.51
N SER B 42 6.67 -21.83 28.52
CA SER B 42 5.88 -21.05 29.46
C SER B 42 4.99 -21.90 30.37
N ASP B 43 5.24 -23.20 30.43
CA ASP B 43 4.43 -24.11 31.23
C ASP B 43 4.34 -23.81 32.73
N HIS B 44 5.28 -23.01 33.24
CA HIS B 44 5.28 -22.67 34.65
C HIS B 44 4.29 -21.55 34.95
N LEU B 45 3.87 -20.85 33.91
CA LEU B 45 2.92 -19.75 34.05
C LEU B 45 1.50 -20.32 34.01
N ILE B 46 1.12 -20.99 35.08
CA ILE B 46 -0.19 -21.63 35.21
C ILE B 46 -1.41 -20.74 34.96
N ASN B 47 -1.43 -19.55 35.54
CA ASN B 47 -2.58 -18.67 35.35
C ASN B 47 -2.64 -18.13 33.93
N LEU B 48 -1.47 -17.84 33.36
CA LEU B 48 -1.42 -17.33 31.99
C LEU B 48 -1.89 -18.42 31.04
N LYS B 49 -1.52 -19.66 31.34
CA LYS B 49 -1.93 -20.78 30.49
C LYS B 49 -3.44 -20.98 30.55
N GLN B 50 -4.03 -20.83 31.72
CA GLN B 50 -5.48 -21.00 31.82
C GLN B 50 -6.16 -19.93 30.97
N LYS B 51 -5.63 -18.71 31.00
CA LYS B 51 -6.19 -17.63 30.22
C LYS B 51 -6.11 -17.94 28.73
N PHE B 52 -4.96 -18.43 28.29
CA PHE B 52 -4.79 -18.74 26.87
C PHE B 52 -5.69 -19.90 26.48
N LYS B 53 -5.76 -20.91 27.34
CA LYS B 53 -6.60 -22.07 27.06
C LYS B 53 -8.03 -21.62 26.80
N ARG B 54 -8.54 -20.74 27.65
CA ARG B 54 -9.92 -20.26 27.47
C ARG B 54 -10.06 -19.44 26.20
N LEU B 55 -9.02 -18.69 25.82
CA LEU B 55 -9.08 -17.90 24.59
C LEU B 55 -9.25 -18.85 23.41
N CYS B 56 -8.52 -19.95 23.43
CA CYS B 56 -8.60 -20.93 22.34
C CYS B 56 -9.92 -21.67 22.35
N GLU B 57 -10.41 -22.01 23.54
CA GLU B 57 -11.67 -22.75 23.66
C GLU B 57 -12.87 -21.91 23.26
N ASN B 58 -12.82 -20.61 23.50
CA ASN B 58 -13.93 -19.73 23.15
C ASN B 58 -13.79 -19.12 21.75
N SER B 59 -12.65 -19.35 21.12
CA SER B 59 -12.39 -18.80 19.78
C SER B 59 -13.35 -19.32 18.71
N ARG B 60 -13.90 -20.51 18.93
CA ARG B 60 -14.79 -21.13 17.97
C ARG B 60 -14.01 -21.51 16.71
N ILE B 61 -12.72 -21.76 16.88
CA ILE B 61 -11.83 -22.17 15.80
C ILE B 61 -11.46 -23.63 16.08
N GLU B 62 -11.60 -24.50 15.08
CA GLU B 62 -11.27 -25.91 15.27
C GLU B 62 -9.86 -26.22 14.78
N LYS B 63 -9.44 -25.56 13.71
CA LYS B 63 -8.11 -25.76 13.16
C LYS B 63 -7.61 -24.57 12.37
N ARG B 64 -6.29 -24.46 12.27
CA ARG B 64 -5.62 -23.40 11.53
C ARG B 64 -4.41 -23.98 10.81
N TYR B 65 -3.97 -23.30 9.75
CA TYR B 65 -2.81 -23.74 8.99
C TYR B 65 -1.76 -22.65 9.21
N LEU B 66 -0.58 -23.06 9.67
CA LEU B 66 0.49 -22.11 9.95
C LEU B 66 1.81 -22.55 9.35
N HIS B 67 2.62 -21.55 8.97
CA HIS B 67 3.94 -21.82 8.41
C HIS B 67 4.86 -22.20 9.55
N VAL B 68 4.69 -21.53 10.70
CA VAL B 68 5.51 -21.79 11.87
C VAL B 68 5.41 -23.25 12.31
N THR B 69 6.55 -23.81 12.69
CA THR B 69 6.63 -25.19 13.15
C THR B 69 7.49 -25.25 14.40
N GLU B 70 7.39 -26.33 15.16
CA GLU B 70 8.18 -26.47 16.37
C GLU B 70 9.66 -26.39 16.01
N GLU B 71 10.01 -26.96 14.86
CA GLU B 71 11.40 -26.97 14.39
C GLU B 71 11.89 -25.54 14.15
N ILE B 72 11.08 -24.74 13.46
CA ILE B 72 11.45 -23.36 13.19
C ILE B 72 11.63 -22.57 14.49
N LEU B 73 10.77 -22.81 15.46
CA LEU B 73 10.86 -22.12 16.75
C LEU B 73 12.11 -22.54 17.51
N LYS B 74 12.45 -23.82 17.43
CA LYS B 74 13.63 -24.33 18.12
C LYS B 74 14.89 -23.68 17.54
N GLU B 75 14.94 -23.59 16.22
CA GLU B 75 16.08 -23.01 15.53
C GLU B 75 16.12 -21.48 15.65
N ASN B 76 14.98 -20.88 16.01
CA ASN B 76 14.90 -19.44 16.14
C ASN B 76 14.23 -19.02 17.45
N PRO B 77 14.97 -19.15 18.56
CA PRO B 77 14.47 -18.79 19.89
C PRO B 77 13.96 -17.36 19.96
N ASN B 78 14.54 -16.48 19.17
CA ASN B 78 14.15 -15.07 19.15
C ASN B 78 12.75 -14.82 18.59
N ILE B 79 12.19 -15.83 17.94
CA ILE B 79 10.84 -15.72 17.39
C ILE B 79 9.87 -16.23 18.44
N ALA B 80 10.28 -17.28 19.16
CA ALA B 80 9.46 -17.88 20.20
C ALA B 80 9.33 -16.92 21.38
N ALA B 81 10.33 -16.07 21.56
CA ALA B 81 10.32 -15.10 22.65
C ALA B 81 9.23 -14.06 22.41
N TYR B 82 8.68 -13.53 23.49
CA TYR B 82 7.65 -12.51 23.38
C TYR B 82 8.25 -11.27 22.72
N GLU B 83 9.44 -10.90 23.18
CA GLU B 83 10.10 -9.72 22.64
C GLU B 83 11.61 -9.92 22.52
N ALA B 84 12.06 -10.20 21.30
CA ALA B 84 13.48 -10.41 21.02
C ALA B 84 13.73 -9.96 19.59
N THR B 85 14.88 -9.35 19.35
CA THR B 85 15.22 -8.89 18.00
C THR B 85 15.07 -10.08 17.06
N SER B 86 14.19 -9.96 16.07
CA SER B 86 13.96 -11.06 15.15
C SER B 86 13.28 -10.67 13.83
N LEU B 87 13.22 -9.37 13.55
CA LEU B 87 12.58 -8.94 12.31
C LEU B 87 13.25 -9.54 11.08
N ASN B 88 14.59 -9.54 11.05
CA ASN B 88 15.31 -10.07 9.91
C ASN B 88 14.96 -11.52 9.58
N VAL B 89 14.95 -12.40 10.57
CA VAL B 89 14.63 -13.79 10.32
C VAL B 89 13.15 -13.99 9.98
N ARG B 90 12.27 -13.21 10.60
CA ARG B 90 10.84 -13.30 10.32
C ARG B 90 10.58 -12.88 8.88
N HIS B 91 11.20 -11.77 8.50
CA HIS B 91 11.05 -11.21 7.15
C HIS B 91 11.48 -12.18 6.06
N LYS B 92 12.60 -12.87 6.28
CA LYS B 92 13.10 -13.82 5.31
C LYS B 92 12.02 -14.84 4.96
N MET B 93 11.40 -15.43 5.99
CA MET B 93 10.37 -16.43 5.78
C MET B 93 9.04 -15.82 5.27
N GLN B 94 8.70 -14.65 5.80
CA GLN B 94 7.47 -13.97 5.42
C GLN B 94 7.43 -13.68 3.93
N VAL B 95 8.52 -13.12 3.40
CA VAL B 95 8.60 -12.78 1.98
C VAL B 95 8.44 -13.99 1.08
N LYS B 96 9.08 -15.10 1.43
CA LYS B 96 9.00 -16.32 0.63
C LYS B 96 7.62 -16.93 0.73
N GLY B 97 7.08 -16.94 1.95
CA GLY B 97 5.77 -17.51 2.18
C GLY B 97 4.62 -16.84 1.46
N VAL B 98 4.52 -15.52 1.54
CA VAL B 98 3.44 -14.81 0.89
C VAL B 98 3.43 -15.03 -0.61
N ALA B 99 4.63 -15.03 -1.21
CA ALA B 99 4.75 -15.25 -2.65
C ALA B 99 4.29 -16.65 -3.05
N GLU B 100 4.74 -17.65 -2.32
CA GLU B 100 4.39 -19.04 -2.60
C GLU B 100 2.89 -19.32 -2.46
N LEU B 101 2.31 -18.93 -1.34
CA LEU B 101 0.88 -19.13 -1.13
C LEU B 101 0.08 -18.35 -2.16
N GLY B 102 0.53 -17.13 -2.41
CA GLY B 102 -0.14 -16.27 -3.37
C GLY B 102 -0.18 -16.89 -4.74
N LYS B 103 0.94 -17.45 -5.17
CA LYS B 103 1.03 -18.08 -6.47
C LYS B 103 0.05 -19.26 -6.59
N GLU B 104 -0.02 -20.08 -5.55
CA GLU B 104 -0.92 -21.23 -5.58
C GLU B 104 -2.38 -20.79 -5.71
N ALA B 105 -2.79 -19.82 -4.89
CA ALA B 105 -4.15 -19.32 -4.93
C ALA B 105 -4.48 -18.67 -6.27
N ALA B 106 -3.53 -17.90 -6.80
CA ALA B 106 -3.72 -17.23 -8.07
C ALA B 106 -3.92 -18.21 -9.23
N LEU B 107 -3.15 -19.29 -9.23
CA LEU B 107 -3.29 -20.27 -10.31
C LEU B 107 -4.66 -20.92 -10.28
N LYS B 108 -5.20 -21.13 -9.08
CA LYS B 108 -6.52 -21.72 -8.95
C LYS B 108 -7.58 -20.74 -9.43
N ALA B 109 -7.42 -19.47 -9.12
CA ALA B 109 -8.38 -18.46 -9.56
C ALA B 109 -8.35 -18.34 -11.08
N ILE B 110 -7.14 -18.32 -11.63
CA ILE B 110 -6.99 -18.20 -13.09
C ILE B 110 -7.65 -19.39 -13.79
N LYS B 111 -7.52 -20.58 -13.22
CA LYS B 111 -8.14 -21.74 -13.83
C LYS B 111 -9.67 -21.57 -13.91
N GLU B 112 -10.28 -21.19 -12.78
CA GLU B 112 -11.73 -21.01 -12.75
C GLU B 112 -12.18 -19.90 -13.69
N TRP B 113 -11.41 -18.81 -13.71
CA TRP B 113 -11.71 -17.67 -14.55
C TRP B 113 -11.97 -18.13 -15.99
N GLY B 114 -11.10 -18.98 -16.52
CA GLY B 114 -11.30 -19.48 -17.87
C GLY B 114 -10.59 -18.77 -19.00
N GLN B 115 -9.87 -17.70 -18.68
CA GLN B 115 -9.13 -16.95 -19.69
C GLN B 115 -7.64 -17.14 -19.45
N PRO B 116 -6.83 -17.00 -20.51
CA PRO B 116 -5.38 -17.15 -20.32
C PRO B 116 -4.85 -16.00 -19.46
N LYS B 117 -3.83 -16.27 -18.65
CA LYS B 117 -3.28 -15.25 -17.76
C LYS B 117 -2.76 -14.02 -18.48
N SER B 118 -2.47 -14.15 -19.78
CA SER B 118 -1.98 -13.03 -20.57
C SER B 118 -3.04 -11.92 -20.65
N LYS B 119 -4.28 -12.26 -20.31
CA LYS B 119 -5.36 -11.29 -20.37
C LYS B 119 -5.52 -10.46 -19.11
N ILE B 120 -4.71 -10.74 -18.09
CA ILE B 120 -4.77 -9.98 -16.85
C ILE B 120 -4.10 -8.64 -17.10
N THR B 121 -4.81 -7.56 -16.82
CA THR B 121 -4.30 -6.20 -17.06
C THR B 121 -3.87 -5.47 -15.80
N HIS B 122 -4.40 -5.89 -14.66
CA HIS B 122 -4.08 -5.26 -13.38
C HIS B 122 -3.89 -6.31 -12.31
N LEU B 123 -3.03 -5.99 -11.34
CA LEU B 123 -2.74 -6.90 -10.23
C LEU B 123 -2.73 -6.13 -8.93
N ILE B 124 -3.53 -6.58 -7.97
CA ILE B 124 -3.60 -5.96 -6.65
C ILE B 124 -3.13 -7.00 -5.66
N VAL B 125 -2.08 -6.69 -4.89
CA VAL B 125 -1.59 -7.64 -3.91
C VAL B 125 -1.68 -7.01 -2.53
N CYS B 126 -2.16 -7.78 -1.56
CA CYS B 126 -2.34 -7.29 -0.20
C CYS B 126 -1.73 -8.27 0.81
N CYS B 127 -0.76 -7.80 1.58
CA CYS B 127 -0.09 -8.62 2.58
C CYS B 127 0.02 -7.88 3.91
N LEU B 128 -0.38 -8.57 4.98
CA LEU B 128 -0.32 -8.03 6.34
C LEU B 128 1.10 -7.56 6.65
N ALA B 129 2.07 -8.36 6.24
CA ALA B 129 3.48 -8.04 6.47
C ALA B 129 4.35 -8.68 5.40
N GLY B 130 5.62 -8.28 5.37
CA GLY B 130 6.54 -8.83 4.38
C GLY B 130 7.07 -7.74 3.46
N VAL B 131 7.15 -6.51 3.99
CA VAL B 131 7.64 -5.38 3.21
C VAL B 131 8.94 -5.66 2.47
N ASP B 132 8.95 -5.30 1.19
CA ASP B 132 10.13 -5.50 0.35
C ASP B 132 9.99 -4.61 -0.88
N MET B 133 11.11 -4.16 -1.42
CA MET B 133 11.11 -3.28 -2.59
C MET B 133 12.10 -3.82 -3.62
N PRO B 134 11.59 -4.29 -4.78
CA PRO B 134 10.18 -4.37 -5.16
C PRO B 134 9.43 -5.38 -4.29
N GLY B 135 8.11 -5.24 -4.23
CA GLY B 135 7.32 -6.11 -3.38
C GLY B 135 6.73 -7.40 -3.92
N ALA B 136 5.74 -7.92 -3.20
CA ALA B 136 5.08 -9.16 -3.57
C ALA B 136 4.36 -9.08 -4.92
N ASP B 137 3.92 -7.87 -5.29
CA ASP B 137 3.24 -7.69 -6.57
C ASP B 137 4.23 -7.95 -7.70
N TYR B 138 5.45 -7.45 -7.53
CA TYR B 138 6.50 -7.66 -8.52
C TYR B 138 6.84 -9.15 -8.57
N GLN B 139 7.00 -9.75 -7.39
CA GLN B 139 7.33 -11.16 -7.27
C GLN B 139 6.29 -12.05 -7.95
N LEU B 140 5.02 -11.80 -7.71
CA LEU B 140 3.96 -12.60 -8.31
C LEU B 140 3.90 -12.42 -9.82
N THR B 141 4.21 -11.22 -10.29
CA THR B 141 4.20 -10.95 -11.72
C THR B 141 5.25 -11.84 -12.39
N LYS B 142 6.39 -11.98 -11.74
CA LYS B 142 7.47 -12.83 -12.26
C LYS B 142 7.14 -14.31 -12.10
N LEU B 143 6.62 -14.69 -10.94
CA LEU B 143 6.29 -16.09 -10.70
C LEU B 143 5.19 -16.61 -11.62
N LEU B 144 4.21 -15.77 -11.89
CA LEU B 144 3.08 -16.16 -12.75
C LEU B 144 3.34 -15.84 -14.22
N ASP B 145 4.46 -15.19 -14.49
CA ASP B 145 4.82 -14.79 -15.84
C ASP B 145 3.69 -13.99 -16.47
N LEU B 146 3.25 -12.95 -15.76
CA LEU B 146 2.20 -12.09 -16.26
C LEU B 146 2.83 -11.08 -17.20
N ASP B 147 2.00 -10.31 -17.88
CA ASP B 147 2.47 -9.27 -18.80
C ASP B 147 3.34 -8.33 -17.97
N PRO B 148 4.56 -7.99 -18.44
CA PRO B 148 5.40 -7.09 -17.66
C PRO B 148 4.77 -5.71 -17.49
N SER B 149 3.79 -5.40 -18.33
CA SER B 149 3.10 -4.11 -18.26
C SER B 149 1.79 -4.19 -17.48
N VAL B 150 1.65 -5.25 -16.69
CA VAL B 150 0.45 -5.38 -15.86
C VAL B 150 0.51 -4.20 -14.87
N LYS B 151 -0.63 -3.54 -14.66
CA LYS B 151 -0.70 -2.40 -13.75
C LYS B 151 -0.89 -2.90 -12.32
N ARG B 152 0.13 -2.69 -11.51
CA ARG B 152 0.15 -3.18 -10.13
C ARG B 152 -0.12 -2.21 -8.99
N PHE B 153 -0.67 -2.76 -7.92
CA PHE B 153 -0.95 -2.02 -6.70
C PHE B 153 -0.53 -2.97 -5.58
N MET B 154 0.30 -2.48 -4.67
CA MET B 154 0.83 -3.28 -3.56
C MET B 154 0.47 -2.66 -2.22
N PHE B 155 -0.25 -3.42 -1.40
CA PHE B 155 -0.65 -2.93 -0.07
C PHE B 155 -0.03 -3.75 1.06
N TYR B 156 0.80 -3.11 1.87
CA TYR B 156 1.41 -3.77 3.01
C TYR B 156 0.85 -3.18 4.30
N HIS B 157 0.69 -4.03 5.31
CA HIS B 157 0.24 -3.62 6.62
C HIS B 157 -1.11 -2.92 6.77
N LEU B 158 -2.12 -3.35 6.02
CA LEU B 158 -3.44 -2.75 6.15
C LEU B 158 -4.19 -3.49 7.26
N GLY B 159 -4.20 -4.81 7.19
CA GLY B 159 -4.89 -5.54 8.22
C GLY B 159 -6.19 -6.19 7.79
N CYS B 160 -6.97 -6.61 8.78
CA CYS B 160 -8.21 -7.33 8.56
C CYS B 160 -9.36 -6.73 7.77
N TYR B 161 -9.33 -5.43 7.49
CA TYR B 161 -10.42 -4.83 6.73
C TYR B 161 -10.12 -4.83 5.24
N ALA B 162 -8.86 -5.13 4.89
CA ALA B 162 -8.39 -5.08 3.51
C ALA B 162 -9.12 -5.88 2.44
N GLY B 163 -9.89 -6.90 2.83
CA GLY B 163 -10.63 -7.64 1.83
C GLY B 163 -11.61 -6.69 1.16
N GLY B 164 -12.14 -5.76 1.93
CA GLY B 164 -13.07 -4.78 1.40
C GLY B 164 -12.31 -3.76 0.57
N THR B 165 -11.12 -3.38 1.04
CA THR B 165 -10.29 -2.40 0.37
C THR B 165 -9.92 -2.81 -1.06
N VAL B 166 -9.46 -4.05 -1.23
CA VAL B 166 -9.06 -4.50 -2.55
C VAL B 166 -10.24 -4.58 -3.52
N LEU B 167 -11.43 -4.90 -3.00
CA LEU B 167 -12.60 -4.95 -3.86
C LEU B 167 -13.00 -3.52 -4.24
N ARG B 168 -12.87 -2.60 -3.30
CA ARG B 168 -13.19 -1.19 -3.54
C ARG B 168 -12.28 -0.66 -4.64
N LEU B 169 -11.02 -1.08 -4.63
CA LEU B 169 -10.07 -0.65 -5.66
C LEU B 169 -10.38 -1.32 -7.00
N ALA B 170 -10.56 -2.64 -6.96
CA ALA B 170 -10.85 -3.41 -8.18
C ALA B 170 -12.10 -2.93 -8.90
N LYS B 171 -13.12 -2.54 -8.15
CA LYS B 171 -14.37 -2.07 -8.76
C LYS B 171 -14.14 -0.83 -9.63
N ASP B 172 -13.43 0.16 -9.11
CA ASP B 172 -13.17 1.37 -9.87
C ASP B 172 -12.23 1.12 -11.06
N ILE B 173 -11.27 0.21 -10.89
CA ILE B 173 -10.35 -0.11 -11.97
C ILE B 173 -11.13 -0.76 -13.12
N ALA B 174 -11.90 -1.79 -12.78
CA ALA B 174 -12.66 -2.54 -13.78
C ALA B 174 -13.71 -1.71 -14.51
N GLU B 175 -14.38 -0.83 -13.79
CA GLU B 175 -15.43 -0.03 -14.39
C GLU B 175 -14.95 1.18 -15.20
N ASN B 176 -13.73 1.64 -14.94
CA ASN B 176 -13.22 2.79 -15.67
C ASN B 176 -12.29 2.41 -16.82
N ASN B 177 -11.99 1.12 -16.95
CA ASN B 177 -11.11 0.63 -18.00
C ASN B 177 -11.76 -0.52 -18.77
N LYS B 178 -12.28 -0.21 -19.95
CA LYS B 178 -12.94 -1.22 -20.77
C LYS B 178 -12.05 -2.44 -20.99
N GLY B 179 -12.56 -3.61 -20.68
CA GLY B 179 -11.80 -4.84 -20.87
C GLY B 179 -10.80 -5.19 -19.78
N ALA B 180 -10.64 -4.29 -18.81
CA ALA B 180 -9.69 -4.57 -17.74
C ALA B 180 -10.07 -5.82 -16.97
N ARG B 181 -9.07 -6.62 -16.64
CA ARG B 181 -9.27 -7.84 -15.87
C ARG B 181 -8.26 -7.79 -14.74
N VAL B 182 -8.79 -7.69 -13.53
CA VAL B 182 -8.00 -7.54 -12.32
C VAL B 182 -7.80 -8.81 -11.50
N LEU B 183 -6.55 -9.14 -11.22
CA LEU B 183 -6.23 -10.28 -10.39
C LEU B 183 -5.90 -9.70 -9.02
N ILE B 184 -6.59 -10.18 -7.99
CA ILE B 184 -6.36 -9.73 -6.62
C ILE B 184 -5.77 -10.90 -5.86
N VAL B 185 -4.73 -10.63 -5.07
CA VAL B 185 -4.12 -11.68 -4.27
C VAL B 185 -3.92 -11.15 -2.85
N CYS B 186 -4.62 -11.77 -1.90
CA CYS B 186 -4.47 -11.42 -0.49
C CYS B 186 -3.77 -12.62 0.11
N SER B 187 -2.48 -12.46 0.43
CA SER B 187 -1.69 -13.54 0.97
C SER B 187 -1.25 -13.18 2.39
N GLU B 188 -1.82 -13.87 3.37
CA GLU B 188 -1.53 -13.59 4.77
C GLU B 188 -0.76 -14.68 5.49
N MET B 189 0.36 -14.28 6.09
CA MET B 189 1.24 -15.16 6.83
C MET B 189 1.44 -14.52 8.21
N THR B 190 1.46 -15.33 9.25
CA THR B 190 1.60 -14.83 10.61
C THR B 190 3.00 -15.01 11.20
N THR B 191 3.96 -15.38 10.38
CA THR B 191 5.33 -15.57 10.85
C THR B 191 5.84 -14.25 11.43
N THR B 192 5.37 -13.16 10.86
CA THR B 192 5.75 -11.82 11.27
C THR B 192 5.31 -11.44 12.69
N CYS B 193 4.20 -12.01 13.14
CA CYS B 193 3.68 -11.68 14.46
C CYS B 193 3.64 -12.81 15.49
N PHE B 194 4.04 -14.02 15.10
CA PHE B 194 4.03 -15.11 16.04
C PHE B 194 5.06 -14.87 17.15
N ARG B 195 4.62 -14.92 18.40
CA ARG B 195 5.52 -14.70 19.52
C ARG B 195 4.95 -15.32 20.81
N GLY B 196 5.81 -15.48 21.80
CA GLY B 196 5.40 -16.05 23.07
C GLY B 196 4.45 -15.13 23.82
N PRO B 197 3.83 -15.61 24.90
CA PRO B 197 2.89 -14.84 25.72
C PRO B 197 3.56 -13.88 26.69
N SER B 198 2.79 -12.89 27.15
CA SER B 198 3.29 -11.90 28.10
C SER B 198 2.22 -11.66 29.17
N GLU B 199 2.63 -11.75 30.44
CA GLU B 199 1.70 -11.54 31.54
C GLU B 199 1.33 -10.07 31.65
N THR B 200 2.19 -9.19 31.17
CA THR B 200 1.94 -7.75 31.22
C THR B 200 1.13 -7.26 30.02
N HIS B 201 1.17 -8.02 28.94
CA HIS B 201 0.41 -7.66 27.73
C HIS B 201 -0.45 -8.86 27.34
N LEU B 202 -1.48 -9.09 28.15
CA LEU B 202 -2.40 -10.20 27.97
C LEU B 202 -3.09 -10.27 26.60
N ASP B 203 -3.27 -9.12 25.96
CA ASP B 203 -3.92 -9.11 24.65
C ASP B 203 -3.02 -9.61 23.53
N SER B 204 -1.71 -9.49 23.68
CA SER B 204 -0.80 -9.94 22.64
C SER B 204 -1.05 -11.39 22.21
N MET B 205 -1.28 -12.28 23.17
CA MET B 205 -1.50 -13.68 22.82
C MET B 205 -2.82 -13.97 22.14
N ILE B 206 -3.72 -13.00 22.11
CA ILE B 206 -5.00 -13.20 21.43
C ILE B 206 -4.68 -13.52 19.99
N GLY B 207 -3.60 -12.93 19.50
CA GLY B 207 -3.18 -13.16 18.12
C GLY B 207 -2.78 -14.60 17.86
N GLN B 208 -2.08 -15.23 18.80
CA GLN B 208 -1.67 -16.61 18.60
C GLN B 208 -2.81 -17.59 18.79
N ALA B 209 -3.94 -17.11 19.28
CA ALA B 209 -5.11 -17.97 19.47
C ALA B 209 -6.03 -17.89 18.26
N LEU B 210 -6.09 -16.72 17.64
CA LEU B 210 -7.00 -16.51 16.52
C LEU B 210 -6.48 -16.47 15.08
N PHE B 211 -5.26 -15.97 14.88
CA PHE B 211 -4.74 -15.85 13.51
C PHE B 211 -4.17 -17.09 12.83
N GLY B 212 -4.63 -17.32 11.61
CA GLY B 212 -4.16 -18.45 10.81
C GLY B 212 -3.59 -17.93 9.51
N ASP B 213 -2.91 -18.80 8.76
CA ASP B 213 -2.33 -18.39 7.50
C ASP B 213 -3.19 -18.82 6.32
N GLY B 214 -3.13 -18.05 5.23
CA GLY B 214 -3.89 -18.40 4.06
C GLY B 214 -3.83 -17.30 3.01
N ALA B 215 -4.09 -17.68 1.76
CA ALA B 215 -4.09 -16.73 0.66
C ALA B 215 -5.32 -16.96 -0.19
N ALA B 216 -5.87 -15.88 -0.73
CA ALA B 216 -7.03 -15.98 -1.59
C ALA B 216 -6.77 -15.07 -2.79
N ALA B 217 -7.19 -15.53 -3.96
CA ALA B 217 -7.04 -14.75 -5.19
C ALA B 217 -8.39 -14.68 -5.87
N VAL B 218 -8.68 -13.55 -6.48
CA VAL B 218 -9.94 -13.38 -7.18
C VAL B 218 -9.72 -12.60 -8.46
N ILE B 219 -10.58 -12.84 -9.46
CA ILE B 219 -10.49 -12.10 -10.71
C ILE B 219 -11.73 -11.21 -10.73
N VAL B 220 -11.52 -9.93 -11.02
CA VAL B 220 -12.62 -8.97 -11.08
C VAL B 220 -12.62 -8.27 -12.43
N GLY B 221 -13.81 -8.15 -13.02
CA GLY B 221 -13.92 -7.50 -14.31
C GLY B 221 -15.35 -7.08 -14.59
N ALA B 222 -15.52 -6.05 -15.41
CA ALA B 222 -16.85 -5.59 -15.78
C ALA B 222 -17.17 -6.11 -17.18
N ASP B 223 -18.47 -6.21 -17.48
CA ASP B 223 -18.93 -6.68 -18.78
C ASP B 223 -18.36 -8.05 -19.13
N PRO B 224 -18.81 -9.08 -18.41
CA PRO B 224 -18.36 -10.46 -18.62
C PRO B 224 -18.69 -11.01 -19.99
N ASP B 225 -17.76 -11.75 -20.57
CA ASP B 225 -17.98 -12.39 -21.85
C ASP B 225 -18.58 -13.72 -21.41
N LEU B 226 -19.90 -13.79 -21.40
CA LEU B 226 -20.62 -14.97 -20.93
C LEU B 226 -20.38 -16.27 -21.67
N THR B 227 -19.62 -16.24 -22.76
CA THR B 227 -19.33 -17.48 -23.49
C THR B 227 -18.09 -18.16 -22.94
N VAL B 228 -17.40 -17.48 -22.00
CA VAL B 228 -16.20 -18.04 -21.39
C VAL B 228 -16.13 -17.76 -19.88
N GLU B 229 -16.44 -16.53 -19.49
CA GLU B 229 -16.41 -16.14 -18.08
C GLU B 229 -17.71 -16.47 -17.37
N ARG B 230 -17.60 -16.78 -16.07
CA ARG B 230 -18.76 -17.15 -15.26
C ARG B 230 -18.81 -16.32 -13.97
N PRO B 231 -19.62 -15.26 -13.97
CA PRO B 231 -19.78 -14.37 -12.80
C PRO B 231 -20.21 -15.13 -11.55
N ILE B 232 -19.78 -14.64 -10.38
CA ILE B 232 -20.10 -15.25 -9.10
C ILE B 232 -20.86 -14.24 -8.24
N PHE B 233 -20.32 -13.03 -8.13
CA PHE B 233 -20.93 -11.94 -7.37
C PHE B 233 -20.63 -10.60 -8.02
N GLU B 234 -21.60 -9.69 -7.97
CA GLU B 234 -21.40 -8.35 -8.52
C GLU B 234 -21.07 -7.40 -7.39
N LEU B 235 -20.17 -6.45 -7.66
CA LEU B 235 -19.78 -5.45 -6.67
C LEU B 235 -20.63 -4.22 -6.94
N VAL B 236 -21.69 -4.05 -6.16
CA VAL B 236 -22.63 -2.94 -6.34
C VAL B 236 -22.13 -1.58 -5.86
N SER B 237 -21.64 -1.52 -4.63
CA SER B 237 -21.12 -0.27 -4.08
C SER B 237 -20.11 -0.57 -2.98
N THR B 238 -19.24 0.40 -2.70
CA THR B 238 -18.23 0.23 -1.68
C THR B 238 -18.16 1.47 -0.79
N ALA B 239 -17.71 1.27 0.45
CA ALA B 239 -17.60 2.37 1.40
C ALA B 239 -16.60 1.99 2.48
N GLN B 240 -16.05 3.01 3.12
CA GLN B 240 -15.08 2.80 4.20
C GLN B 240 -15.34 3.89 5.22
N THR B 241 -15.25 3.54 6.50
CA THR B 241 -15.47 4.52 7.53
C THR B 241 -14.71 4.17 8.79
N ILE B 242 -14.60 5.14 9.68
CA ILE B 242 -13.91 4.96 10.95
C ILE B 242 -14.97 5.00 12.04
N VAL B 243 -15.02 3.94 12.83
CA VAL B 243 -15.99 3.83 13.91
C VAL B 243 -15.77 4.93 14.94
N PRO B 244 -16.83 5.67 15.28
CA PRO B 244 -16.67 6.75 16.27
C PRO B 244 -16.13 6.25 17.62
N GLU B 245 -15.30 7.08 18.25
CA GLU B 245 -14.72 6.78 19.55
C GLU B 245 -14.03 5.42 19.66
N SER B 246 -13.38 4.99 18.58
CA SER B 246 -12.72 3.70 18.58
C SER B 246 -11.19 3.84 18.53
N HIS B 247 -10.70 5.06 18.69
CA HIS B 247 -9.26 5.28 18.62
C HIS B 247 -8.42 4.38 19.51
N GLY B 248 -7.41 3.75 18.91
CA GLY B 248 -6.50 2.87 19.62
C GLY B 248 -6.98 1.47 19.96
N ALA B 249 -8.20 1.11 19.56
CA ALA B 249 -8.75 -0.21 19.87
C ALA B 249 -8.00 -1.37 19.21
N ILE B 250 -7.51 -1.14 17.99
CA ILE B 250 -6.78 -2.16 17.26
C ILE B 250 -5.51 -1.54 16.68
N GLU B 251 -4.35 -1.99 17.17
CA GLU B 251 -3.11 -1.44 16.67
C GLU B 251 -2.03 -2.48 16.44
N GLY B 252 -1.15 -2.17 15.51
CA GLY B 252 -0.06 -3.07 15.17
C GLY B 252 1.14 -2.21 14.83
N HIS B 253 2.31 -2.56 15.38
CA HIS B 253 3.53 -1.80 15.13
C HIS B 253 4.63 -2.73 14.64
N LEU B 254 5.29 -2.34 13.56
CA LEU B 254 6.38 -3.14 13.02
C LEU B 254 7.63 -2.75 13.80
N LEU B 255 8.09 -3.67 14.65
CA LEU B 255 9.25 -3.42 15.49
C LEU B 255 10.39 -4.36 15.20
N GLU B 256 11.50 -4.18 15.94
CA GLU B 256 12.67 -5.01 15.78
C GLU B 256 12.36 -6.46 16.14
N SER B 257 11.26 -6.65 16.88
CA SER B 257 10.84 -7.99 17.29
C SER B 257 9.70 -8.49 16.42
N GLY B 258 9.44 -7.79 15.33
CA GLY B 258 8.37 -8.19 14.44
C GLY B 258 7.13 -7.34 14.63
N LEU B 259 6.01 -7.78 14.07
CA LEU B 259 4.76 -7.05 14.16
C LEU B 259 4.07 -7.33 15.49
N SER B 260 3.83 -6.26 16.27
CA SER B 260 3.18 -6.40 17.56
C SER B 260 1.67 -6.39 17.34
N PHE B 261 0.93 -6.84 18.32
CA PHE B 261 -0.53 -6.89 18.23
C PHE B 261 -1.16 -6.36 19.50
N HIS B 262 -2.05 -5.38 19.35
CA HIS B 262 -2.74 -4.77 20.48
C HIS B 262 -4.24 -4.76 20.17
N LEU B 263 -5.03 -5.37 21.05
CA LEU B 263 -6.47 -5.44 20.85
C LEU B 263 -7.20 -5.14 22.15
N TYR B 264 -7.97 -4.05 22.17
CA TYR B 264 -8.70 -3.68 23.37
C TYR B 264 -10.01 -4.46 23.47
N LYS B 265 -10.48 -4.66 24.69
CA LYS B 265 -11.71 -5.41 24.94
C LYS B 265 -12.98 -4.76 24.42
N THR B 266 -12.86 -3.49 23.99
CA THR B 266 -14.01 -2.75 23.49
C THR B 266 -14.36 -3.04 22.03
N VAL B 267 -13.45 -3.69 21.31
CA VAL B 267 -13.66 -3.98 19.89
C VAL B 267 -15.02 -4.58 19.50
N PRO B 268 -15.42 -5.70 20.12
CA PRO B 268 -16.71 -6.31 19.78
C PRO B 268 -17.90 -5.36 19.86
N THR B 269 -18.01 -4.63 20.97
CA THR B 269 -19.13 -3.71 21.14
C THR B 269 -19.02 -2.49 20.22
N LEU B 270 -17.80 -1.99 20.01
CA LEU B 270 -17.61 -0.84 19.14
C LEU B 270 -18.10 -1.16 17.73
N ILE B 271 -17.73 -2.34 17.24
CA ILE B 271 -18.15 -2.76 15.90
C ILE B 271 -19.64 -3.08 15.83
N SER B 272 -20.12 -3.92 16.74
CA SER B 272 -21.54 -4.30 16.72
C SER B 272 -22.50 -3.14 16.95
N ASN B 273 -22.12 -2.18 17.78
CA ASN B 273 -23.01 -1.05 18.04
C ASN B 273 -23.03 0.00 16.92
N ASN B 274 -22.16 -0.15 15.94
CA ASN B 274 -22.10 0.82 14.84
C ASN B 274 -22.42 0.21 13.48
N ILE B 275 -22.58 -1.11 13.43
CA ILE B 275 -22.83 -1.77 12.16
C ILE B 275 -24.15 -1.41 11.48
N LYS B 276 -25.18 -1.07 12.26
CA LYS B 276 -26.46 -0.68 11.67
C LYS B 276 -26.31 0.61 10.88
N THR B 277 -25.38 1.45 11.31
CA THR B 277 -25.13 2.71 10.63
C THR B 277 -24.53 2.41 9.25
N CYS B 278 -23.60 1.46 9.20
CA CYS B 278 -22.97 1.09 7.93
C CYS B 278 -24.01 0.46 7.01
N LEU B 279 -24.91 -0.33 7.57
CA LEU B 279 -25.95 -0.97 6.77
C LEU B 279 -26.91 0.06 6.18
N SER B 280 -27.34 1.01 7.01
CA SER B 280 -28.24 2.05 6.55
C SER B 280 -27.61 2.90 5.45
N ASP B 281 -26.35 3.29 5.64
CA ASP B 281 -25.66 4.11 4.64
C ASP B 281 -25.52 3.38 3.31
N ALA B 282 -25.35 2.07 3.35
CA ALA B 282 -25.18 1.31 2.12
C ALA B 282 -26.50 0.87 1.46
N PHE B 283 -27.51 0.56 2.26
CA PHE B 283 -28.76 0.07 1.71
C PHE B 283 -29.94 1.02 1.58
N THR B 284 -29.92 2.13 2.31
CA THR B 284 -31.04 3.07 2.20
C THR B 284 -31.16 3.53 0.73
N PRO B 285 -30.03 3.77 0.05
CA PRO B 285 -30.10 4.20 -1.36
C PRO B 285 -30.71 3.11 -2.24
N LEU B 286 -30.72 1.88 -1.73
CA LEU B 286 -31.26 0.75 -2.47
C LEU B 286 -32.66 0.36 -1.96
N ASN B 287 -33.20 1.18 -1.07
CA ASN B 287 -34.52 0.95 -0.51
C ASN B 287 -34.62 -0.42 0.19
N ILE B 288 -33.55 -0.79 0.88
CA ILE B 288 -33.51 -2.06 1.62
C ILE B 288 -33.30 -1.78 3.10
N SER B 289 -34.13 -2.38 3.95
CA SER B 289 -34.02 -2.17 5.39
C SER B 289 -34.06 -3.48 6.18
N ASP B 290 -34.44 -4.57 5.55
CA ASP B 290 -34.50 -5.88 6.22
C ASP B 290 -33.13 -6.54 6.12
N TRP B 291 -32.37 -6.48 7.20
CA TRP B 291 -31.02 -7.04 7.21
C TRP B 291 -30.97 -8.56 7.06
N ASN B 292 -32.10 -9.23 7.28
CA ASN B 292 -32.16 -10.67 7.15
C ASN B 292 -32.45 -11.09 5.71
N SER B 293 -32.82 -10.13 4.87
CA SER B 293 -33.11 -10.42 3.47
C SER B 293 -31.83 -10.44 2.65
N LEU B 294 -30.71 -10.20 3.33
CA LEU B 294 -29.40 -10.17 2.68
C LEU B 294 -28.56 -11.41 3.01
N PHE B 295 -27.65 -11.78 2.11
CA PHE B 295 -26.74 -12.86 2.45
C PHE B 295 -25.57 -12.10 3.07
N TRP B 296 -24.93 -12.70 4.06
CA TRP B 296 -23.84 -12.05 4.79
C TRP B 296 -22.45 -12.68 4.70
N ILE B 297 -21.45 -11.83 4.46
CA ILE B 297 -20.07 -12.27 4.42
C ILE B 297 -19.35 -11.28 5.32
N ALA B 298 -19.04 -11.70 6.54
CA ALA B 298 -18.39 -10.80 7.49
C ALA B 298 -17.03 -11.31 7.96
N HIS B 299 -16.06 -10.41 8.04
CA HIS B 299 -14.75 -10.80 8.52
C HIS B 299 -14.93 -11.28 9.96
N PRO B 300 -14.57 -12.56 10.22
CA PRO B 300 -14.71 -13.13 11.56
C PRO B 300 -13.52 -12.76 12.46
N GLY B 301 -13.48 -11.50 12.86
CA GLY B 301 -12.39 -11.05 13.72
C GLY B 301 -12.27 -11.91 14.96
N GLY B 302 -13.43 -12.33 15.46
CA GLY B 302 -13.48 -13.16 16.65
C GLY B 302 -14.91 -13.63 16.87
N PRO B 303 -15.14 -14.62 17.75
CA PRO B 303 -16.48 -15.12 18.03
C PRO B 303 -17.46 -14.08 18.62
N ALA B 304 -16.96 -13.20 19.47
CA ALA B 304 -17.81 -12.18 20.10
C ALA B 304 -18.40 -11.21 19.07
N ILE B 305 -17.61 -10.84 18.07
CA ILE B 305 -18.09 -9.92 17.05
C ILE B 305 -19.27 -10.53 16.29
N LEU B 306 -19.16 -11.79 15.92
CA LEU B 306 -20.23 -12.46 15.18
C LEU B 306 -21.48 -12.59 16.04
N ASP B 307 -21.31 -12.94 17.31
CA ASP B 307 -22.44 -13.09 18.21
C ASP B 307 -23.16 -11.75 18.41
N GLN B 308 -22.40 -10.70 18.70
CA GLN B 308 -22.97 -9.38 18.94
C GLN B 308 -23.62 -8.77 17.69
N VAL B 309 -23.02 -8.97 16.53
CA VAL B 309 -23.59 -8.43 15.31
C VAL B 309 -24.93 -9.12 15.07
N THR B 310 -24.95 -10.45 15.20
CA THR B 310 -26.16 -11.22 15.00
C THR B 310 -27.28 -10.73 15.94
N ALA B 311 -26.96 -10.58 17.22
CA ALA B 311 -27.95 -10.15 18.21
C ALA B 311 -28.44 -8.72 18.03
N LYS B 312 -27.51 -7.79 17.85
CA LYS B 312 -27.84 -6.38 17.71
C LYS B 312 -28.46 -5.99 16.36
N VAL B 313 -28.07 -6.68 15.30
CA VAL B 313 -28.62 -6.39 13.98
C VAL B 313 -29.96 -7.10 13.83
N GLY B 314 -30.19 -8.13 14.64
CA GLY B 314 -31.43 -8.88 14.59
C GLY B 314 -31.42 -9.96 13.53
N LEU B 315 -30.25 -10.54 13.29
CA LEU B 315 -30.12 -11.59 12.29
C LEU B 315 -30.59 -12.92 12.82
N GLU B 316 -31.09 -13.75 11.91
CA GLU B 316 -31.53 -15.10 12.25
C GLU B 316 -30.28 -15.85 12.69
N LYS B 317 -30.44 -16.80 13.60
CA LYS B 317 -29.33 -17.57 14.12
C LYS B 317 -28.34 -18.10 13.08
N GLU B 318 -28.85 -18.61 11.97
CA GLU B 318 -27.98 -19.19 10.94
C GLU B 318 -27.53 -18.28 9.80
N LYS B 319 -27.85 -16.99 9.88
CA LYS B 319 -27.45 -16.08 8.81
C LYS B 319 -25.93 -16.06 8.57
N LEU B 320 -25.15 -16.15 9.64
CA LEU B 320 -23.70 -16.14 9.52
C LEU B 320 -23.08 -17.53 9.51
N LYS B 321 -23.87 -18.54 9.20
CA LYS B 321 -23.39 -19.92 9.18
C LYS B 321 -22.09 -20.14 8.40
N VAL B 322 -22.02 -19.64 7.17
CA VAL B 322 -20.80 -19.84 6.37
C VAL B 322 -19.60 -19.11 6.98
N THR B 323 -19.82 -17.87 7.43
CA THR B 323 -18.75 -17.10 8.04
C THR B 323 -18.19 -17.88 9.23
N ARG B 324 -19.08 -18.39 10.08
CA ARG B 324 -18.64 -19.16 11.24
C ARG B 324 -17.92 -20.45 10.86
N GLN B 325 -18.34 -21.08 9.77
CA GLN B 325 -17.71 -22.33 9.34
C GLN B 325 -16.27 -22.10 8.88
N VAL B 326 -16.03 -21.00 8.19
CA VAL B 326 -14.67 -20.68 7.74
C VAL B 326 -13.80 -20.39 8.94
N LEU B 327 -14.33 -19.65 9.91
CA LEU B 327 -13.57 -19.34 11.12
C LEU B 327 -13.20 -20.67 11.79
N LYS B 328 -14.15 -21.59 11.82
CA LYS B 328 -13.92 -22.89 12.44
C LYS B 328 -12.84 -23.70 11.72
N ASP B 329 -12.89 -23.70 10.40
CA ASP B 329 -11.94 -24.48 9.60
C ASP B 329 -10.59 -23.85 9.31
N TYR B 330 -10.47 -22.54 9.45
CA TYR B 330 -9.21 -21.87 9.12
C TYR B 330 -8.72 -20.81 10.10
N GLY B 331 -9.59 -20.37 10.99
CA GLY B 331 -9.19 -19.32 11.91
C GLY B 331 -9.29 -18.00 11.17
N ASN B 332 -8.78 -16.94 11.79
CA ASN B 332 -8.80 -15.59 11.23
C ASN B 332 -7.58 -15.40 10.33
N MET B 333 -7.80 -15.35 9.02
CA MET B 333 -6.70 -15.18 8.06
C MET B 333 -6.59 -13.75 7.52
N SER B 334 -6.91 -12.78 8.37
CA SER B 334 -6.84 -11.37 7.98
C SER B 334 -7.63 -11.06 6.70
N SER B 335 -7.04 -10.29 5.79
CA SER B 335 -7.74 -9.88 4.57
C SER B 335 -8.24 -11.00 3.65
N ALA B 336 -7.61 -12.17 3.70
CA ALA B 336 -8.04 -13.27 2.83
C ALA B 336 -9.33 -13.95 3.27
N THR B 337 -9.63 -13.87 4.56
CA THR B 337 -10.79 -14.54 5.12
C THR B 337 -12.14 -14.36 4.42
N VAL B 338 -12.54 -13.13 4.13
CA VAL B 338 -13.82 -12.93 3.46
C VAL B 338 -13.94 -13.63 2.12
N PHE B 339 -12.81 -13.86 1.45
CA PHE B 339 -12.84 -14.55 0.17
C PHE B 339 -13.03 -16.05 0.35
N PHE B 340 -12.50 -16.59 1.46
CA PHE B 340 -12.70 -18.00 1.75
C PHE B 340 -14.20 -18.16 2.01
N ILE B 341 -14.79 -17.18 2.69
CA ILE B 341 -16.21 -17.20 3.00
C ILE B 341 -17.04 -17.08 1.72
N MET B 342 -16.64 -16.16 0.85
CA MET B 342 -17.33 -15.97 -0.42
C MET B 342 -17.29 -17.27 -1.23
N ASP B 343 -16.12 -17.90 -1.26
CA ASP B 343 -15.91 -19.14 -2.00
C ASP B 343 -16.83 -20.25 -1.45
N GLU B 344 -16.82 -20.43 -0.14
CA GLU B 344 -17.65 -21.47 0.48
C GLU B 344 -19.15 -21.18 0.33
N MET B 345 -19.54 -19.91 0.38
CA MET B 345 -20.97 -19.60 0.26
C MET B 345 -21.55 -20.02 -1.08
N ARG B 346 -20.82 -19.78 -2.17
CA ARG B 346 -21.34 -20.17 -3.48
C ARG B 346 -21.30 -21.68 -3.65
N LYS B 347 -20.38 -22.34 -2.94
CA LYS B 347 -20.27 -23.79 -3.02
C LYS B 347 -21.44 -24.44 -2.29
N LYS B 348 -21.74 -23.93 -1.10
CA LYS B 348 -22.86 -24.46 -0.31
C LYS B 348 -24.18 -24.17 -1.02
N SER B 349 -24.30 -22.98 -1.60
CA SER B 349 -25.51 -22.61 -2.31
C SER B 349 -25.80 -23.62 -3.41
N LEU B 350 -24.76 -24.04 -4.12
CA LEU B 350 -24.92 -25.02 -5.20
C LEU B 350 -25.36 -26.36 -4.64
N GLU B 351 -24.65 -26.82 -3.61
CA GLU B 351 -24.96 -28.11 -2.98
C GLU B 351 -26.35 -28.15 -2.36
N ASN B 352 -26.82 -27.00 -1.86
CA ASN B 352 -28.13 -26.93 -1.24
C ASN B 352 -29.23 -26.68 -2.26
N GLY B 353 -28.86 -26.71 -3.54
CA GLY B 353 -29.82 -26.51 -4.61
C GLY B 353 -30.51 -25.16 -4.61
N GLN B 354 -29.82 -24.14 -4.12
CA GLN B 354 -30.42 -22.80 -4.08
C GLN B 354 -30.27 -22.06 -5.41
N ALA B 355 -31.13 -21.08 -5.62
CA ALA B 355 -31.16 -20.32 -6.88
C ALA B 355 -30.04 -19.35 -7.19
N THR B 356 -29.36 -18.85 -6.16
CA THR B 356 -28.27 -17.91 -6.38
C THR B 356 -27.05 -18.27 -5.57
N THR B 357 -25.91 -17.69 -5.95
CA THR B 357 -24.65 -17.93 -5.27
C THR B 357 -24.68 -17.35 -3.86
N GLY B 358 -25.71 -16.55 -3.59
CA GLY B 358 -25.86 -15.93 -2.29
C GLY B 358 -26.95 -16.57 -1.44
N GLU B 359 -26.91 -17.90 -1.34
CA GLU B 359 -27.88 -18.66 -0.56
C GLU B 359 -29.32 -18.43 -1.04
N GLY B 360 -29.46 -18.20 -2.33
CA GLY B 360 -30.77 -17.97 -2.91
C GLY B 360 -31.25 -16.53 -2.88
N LEU B 361 -30.57 -15.69 -2.10
CA LEU B 361 -30.95 -14.29 -1.99
C LEU B 361 -30.32 -13.43 -3.07
N GLU B 362 -30.95 -12.28 -3.34
CA GLU B 362 -30.47 -11.38 -4.38
C GLU B 362 -29.36 -10.44 -3.93
N TRP B 363 -29.58 -9.75 -2.81
CA TRP B 363 -28.62 -8.80 -2.28
C TRP B 363 -27.84 -9.30 -1.08
N GLY B 364 -26.62 -8.80 -0.94
CA GLY B 364 -25.78 -9.21 0.17
C GLY B 364 -24.82 -8.11 0.59
N VAL B 365 -24.10 -8.36 1.68
CA VAL B 365 -23.14 -7.40 2.17
C VAL B 365 -21.86 -8.12 2.62
N LEU B 366 -20.72 -7.50 2.36
CA LEU B 366 -19.45 -8.05 2.76
C LEU B 366 -18.84 -6.99 3.68
N PHE B 367 -18.39 -7.41 4.87
CA PHE B 367 -17.79 -6.48 5.83
C PHE B 367 -16.35 -6.82 6.15
N GLY B 368 -15.50 -5.79 6.15
CA GLY B 368 -14.11 -5.96 6.52
C GLY B 368 -13.94 -5.11 7.77
N PHE B 369 -13.30 -5.64 8.81
CA PHE B 369 -13.09 -4.90 10.05
C PHE B 369 -11.60 -4.90 10.37
N GLY B 370 -11.07 -3.77 10.81
CA GLY B 370 -9.65 -3.73 11.15
C GLY B 370 -9.17 -2.47 11.83
N PRO B 371 -7.84 -2.26 11.88
CA PRO B 371 -7.26 -1.06 12.52
C PRO B 371 -7.97 0.23 12.14
N GLY B 372 -8.32 1.02 13.15
CA GLY B 372 -9.01 2.28 12.90
C GLY B 372 -9.79 2.80 14.11
N ILE B 373 -10.87 2.11 14.49
CA ILE B 373 -11.36 0.92 13.82
C ILE B 373 -11.96 1.26 12.46
N THR B 374 -11.51 0.54 11.44
CA THR B 374 -11.99 0.75 10.08
C THR B 374 -12.99 -0.32 9.68
N VAL B 375 -14.06 0.11 9.02
CA VAL B 375 -15.08 -0.82 8.54
C VAL B 375 -15.24 -0.59 7.03
N GLU B 376 -15.05 -1.63 6.24
CA GLU B 376 -15.22 -1.55 4.79
C GLU B 376 -16.56 -2.24 4.54
N THR B 377 -17.47 -1.56 3.84
CA THR B 377 -18.79 -2.11 3.54
C THR B 377 -18.96 -2.23 2.03
N VAL B 378 -19.13 -3.46 1.56
CA VAL B 378 -19.31 -3.72 0.14
C VAL B 378 -20.68 -4.36 -0.11
N VAL B 379 -21.50 -3.70 -0.91
CA VAL B 379 -22.80 -4.25 -1.24
C VAL B 379 -22.59 -5.20 -2.40
N LEU B 380 -23.13 -6.40 -2.28
CA LEU B 380 -22.99 -7.42 -3.31
C LEU B 380 -24.34 -7.83 -3.88
N ARG B 381 -24.29 -8.42 -5.06
CA ARG B 381 -25.48 -8.95 -5.69
C ARG B 381 -25.07 -10.34 -6.16
N SER B 382 -25.90 -11.33 -5.86
CA SER B 382 -25.60 -12.70 -6.25
C SER B 382 -25.83 -12.90 -7.74
N VAL B 383 -25.50 -14.10 -8.21
CA VAL B 383 -25.67 -14.51 -9.60
C VAL B 383 -26.43 -15.84 -9.53
N PRO B 384 -27.30 -16.11 -10.52
CA PRO B 384 -28.05 -17.37 -10.51
C PRO B 384 -27.17 -18.62 -10.54
N VAL B 385 -27.63 -19.67 -9.87
CA VAL B 385 -26.90 -20.93 -9.84
C VAL B 385 -27.60 -21.91 -10.78
#